data_4AMC
#
_entry.id   4AMC
#
_cell.length_a   183.871
_cell.length_b   183.871
_cell.length_c   374.004
_cell.angle_alpha   90.00
_cell.angle_beta   90.00
_cell.angle_gamma   120.00
#
_symmetry.space_group_name_H-M   'P 62 2 2'
#
loop_
_entity.id
_entity.type
_entity.pdbx_description
1 polymer GLUCANSUCRASE
2 non-polymer 'CALCIUM ION'
#
_entity_poly.entity_id   1
_entity_poly.type   'polypeptide(L)'
_entity_poly.pdbx_seq_one_letter_code
;MGINGQQYYIDPTTGQPRKNFLLQSGNNWIYFDSDTGVGTNALELQFAKGTVSSNEQYRNGNAAYSYDDKSIENVNGYLT
ADTWYRPKQILKDGTTWTDSKETDMRPILMVWWPNTLTQAYYLNYMKQHGNLLPSALPFFNADADPAELNHYSEIVQQNI
EKRISETGNTDWLRTLMHDFVTNNPMWNKDSENVNFSGIQFQGGFLKYENSDLTPYANSDYRLLGRMPINIKDQTYRGQE
FLLANDIDNSNPVVQAEQLNWLYYLLNFGTITANNDQANFDSVRVDAPDNIDADLMNIAQDYFNAAYGMDSDAVSNKHIN
ILEDWNHADPEYFNKIGNPQLTMDDTIKNSLNHGLSDATNRWGLDAIVHQSLADRENNSTENVVIPNYSFVRAHDNNSQD
QIQNAIRDVTGKDYHTFTFEDEQKGIDAYIQDQNSTVKKYNLYNIPASYAILLTNKDTIPRVYYGDLYTDGGQYMEHQTR
YYDTLTNLLKSRVKYVAGGQSMQTMSVGGNNNILTSVRYGKGAMTATDTGTDETRTQGIGVVVSNTPNLKLGANDKVVLH
MGAAHKNQQYRAAVLTTTDGVINYTSDQGAPVAMTDENGDLYLSSHNLVVNGKEEADTAVQGYANPDVSGYLAVWVPVGA
SDNQDARTAPSTEKNSGNSAYRTNAAFDSNVIFEAFSNFVYTPTKESERANVRIAQNADFFASLGFTSFEMAPQYNSSKD
RTFLDSTIDNGYAFTDRYDLGMSEPNKYGTDEDLRNAIQALHKAGLQVMADWVPDQIYNLPGKEVATVTRVDDRGNVWKD
AIINNNLYVVNTIGGGEYQKKYGGAFLDKLQKLYPEIFTKKQVSTGVAIDPSQKITEWSAKYFNGTNILHRGSGYVLKAD
GGQYYNLGTTTKQFLPIQLTGEKKQGNEGFVKGNDGNYYFYDLAGNMVKNTFIEDSVGNWYFFDQDGKMVENKHFVDVDS
YGEKGTYFFLKNGVSFRGGLVQTDNGTYYFDNYGKMVRNQTINAGAMIYTLDENGKLIKASYNSDAEYPTSTDVGKMLDQ
NKLHHHHHH
;
_entity_poly.pdbx_strand_id   A
#
# COMPACT_ATOMS: atom_id res chain seq x y z
N GLN A 7 -3.21 -0.39 84.13
CA GLN A 7 -3.60 -0.72 82.72
C GLN A 7 -3.32 0.43 81.75
N TYR A 8 -3.20 1.65 82.28
CA TYR A 8 -2.98 2.83 81.46
C TYR A 8 -1.77 3.63 81.94
N TYR A 9 -0.97 4.11 81.00
CA TYR A 9 0.10 5.05 81.31
C TYR A 9 -0.46 6.45 81.06
N ILE A 10 -0.42 7.29 82.09
CA ILE A 10 -0.95 8.65 81.99
C ILE A 10 0.19 9.66 82.08
N ASP A 11 0.30 10.49 81.03
CA ASP A 11 1.38 11.47 80.88
C ASP A 11 1.37 12.52 82.00
N PRO A 12 2.54 12.74 82.64
CA PRO A 12 2.68 13.67 83.76
C PRO A 12 2.44 15.14 83.38
N THR A 13 2.90 15.55 82.19
CA THR A 13 2.85 16.95 81.78
C THR A 13 1.51 17.38 81.15
N THR A 14 0.92 16.50 80.35
CA THR A 14 -0.33 16.81 79.66
C THR A 14 -1.57 16.35 80.44
N GLY A 15 -1.47 15.20 81.07
CA GLY A 15 -2.58 14.64 81.86
C GLY A 15 -3.41 13.63 81.10
N GLN A 16 -3.17 13.54 79.79
CA GLN A 16 -3.88 12.59 78.93
C GLN A 16 -3.22 11.21 78.98
N PRO A 17 -4.03 10.14 78.80
CA PRO A 17 -3.46 8.79 78.71
C PRO A 17 -2.59 8.63 77.47
N ARG A 18 -1.44 7.97 77.63
CA ARG A 18 -0.50 7.77 76.53
C ARG A 18 -1.01 6.77 75.51
N LYS A 19 -1.22 7.25 74.28
CA LYS A 19 -1.65 6.42 73.17
C LYS A 19 -0.45 6.14 72.28
N ASN A 20 -0.29 4.86 71.89
CA ASN A 20 0.87 4.39 71.12
C ASN A 20 2.18 4.66 71.85
N PHE A 21 2.41 3.89 72.92
CA PHE A 21 3.58 4.07 73.78
C PHE A 21 4.14 2.71 74.20
N LEU A 22 5.47 2.57 74.12
CA LEU A 22 6.14 1.34 74.53
C LEU A 22 7.00 1.59 75.77
N LEU A 23 6.82 0.72 76.77
CA LEU A 23 7.51 0.84 78.05
C LEU A 23 8.20 -0.46 78.45
N GLN A 24 9.46 -0.34 78.86
CA GLN A 24 10.21 -1.47 79.41
C GLN A 24 10.23 -1.41 80.93
N SER A 25 9.84 -2.51 81.56
CA SER A 25 9.87 -2.62 83.01
C SER A 25 10.57 -3.92 83.42
N GLY A 26 11.89 -3.84 83.55
CA GLY A 26 12.72 -5.01 83.88
C GLY A 26 12.82 -5.97 82.72
N ASN A 27 12.21 -7.15 82.89
CA ASN A 27 12.17 -8.17 81.85
C ASN A 27 10.93 -8.08 80.97
N ASN A 28 9.94 -7.31 81.42
CA ASN A 28 8.67 -7.15 80.72
C ASN A 28 8.60 -5.91 79.84
N TRP A 29 7.89 -6.04 78.73
CA TRP A 29 7.62 -4.92 77.82
C TRP A 29 6.14 -4.72 77.70
N ILE A 30 5.69 -3.48 77.86
CA ILE A 30 4.26 -3.16 77.79
C ILE A 30 4.00 -2.14 76.68
N TYR A 31 3.08 -2.49 75.78
CA TYR A 31 2.63 -1.58 74.74
C TYR A 31 1.23 -1.05 75.06
N PHE A 32 1.03 0.26 74.84
CA PHE A 32 -0.25 0.89 75.11
C PHE A 32 -1.02 1.20 73.83
N ASP A 33 -2.32 0.91 73.84
CA ASP A 33 -3.19 1.00 72.66
C ASP A 33 -3.23 2.39 72.04
N SER A 34 -3.38 2.43 70.71
CA SER A 34 -3.40 3.68 69.96
C SER A 34 -4.78 4.37 69.99
N ASP A 35 -5.82 3.60 70.28
CA ASP A 35 -7.18 4.13 70.36
C ASP A 35 -7.52 4.65 71.76
N THR A 36 -7.35 3.80 72.77
CA THR A 36 -7.67 4.16 74.15
C THR A 36 -6.41 4.29 75.01
N GLY A 37 -5.56 3.27 74.97
CA GLY A 37 -4.32 3.25 75.76
C GLY A 37 -4.20 2.04 76.65
N VAL A 38 -5.01 1.01 76.39
CA VAL A 38 -4.98 -0.24 77.15
C VAL A 38 -3.63 -0.93 77.02
N GLY A 39 -3.00 -1.19 78.16
CA GLY A 39 -1.67 -1.80 78.20
C GLY A 39 -1.69 -3.31 78.26
N THR A 40 -1.01 -3.94 77.32
CA THR A 40 -0.83 -5.39 77.30
C THR A 40 0.64 -5.76 77.08
N ASN A 41 0.98 -7.02 77.36
CA ASN A 41 2.34 -7.51 77.24
C ASN A 41 2.81 -7.56 75.77
N ALA A 42 3.87 -6.80 75.49
CA ALA A 42 4.42 -6.69 74.13
C ALA A 42 5.14 -7.96 73.68
N LEU A 43 5.50 -8.81 74.63
CA LEU A 43 6.11 -10.11 74.34
C LEU A 43 5.08 -11.11 73.80
N GLU A 44 3.81 -10.87 74.12
CA GLU A 44 2.73 -11.75 73.70
C GLU A 44 1.84 -11.12 72.61
N LEU A 45 2.41 -10.15 71.89
CA LEU A 45 1.70 -9.49 70.79
C LEU A 45 1.49 -10.42 69.61
N GLN A 46 0.24 -10.55 69.19
CA GLN A 46 -0.17 -11.46 68.12
C GLN A 46 0.12 -10.87 66.74
N PHE A 47 0.55 -11.71 65.81
CA PHE A 47 0.61 -11.34 64.40
C PHE A 47 -0.76 -11.59 63.77
N ALA A 48 -1.27 -10.60 63.05
CA ALA A 48 -2.61 -10.66 62.46
C ALA A 48 -2.85 -11.93 61.66
N LYS A 49 -4.02 -12.53 61.86
CA LYS A 49 -4.35 -13.85 61.32
C LYS A 49 -4.60 -13.84 59.81
N GLY A 50 -5.58 -13.06 59.37
CA GLY A 50 -5.93 -12.95 57.95
C GLY A 50 -5.51 -11.62 57.35
N THR A 51 -4.28 -11.21 57.64
CA THR A 51 -3.78 -9.90 57.20
C THR A 51 -3.43 -9.87 55.72
N VAL A 52 -3.93 -8.84 55.03
CA VAL A 52 -3.66 -8.62 53.62
C VAL A 52 -3.01 -7.26 53.38
N SER A 53 -2.11 -7.21 52.40
CA SER A 53 -1.35 -6.00 52.10
C SER A 53 -2.18 -4.93 51.41
N SER A 54 -1.79 -3.67 51.60
CA SER A 54 -2.40 -2.53 50.93
C SER A 54 -2.02 -2.53 49.44
N ASN A 55 -1.01 -3.31 49.11
CA ASN A 55 -0.59 -3.53 47.73
C ASN A 55 -1.67 -4.21 46.89
N GLU A 56 -2.46 -5.07 47.54
CA GLU A 56 -3.55 -5.80 46.88
C GLU A 56 -4.78 -4.94 46.61
N GLN A 57 -4.64 -3.63 46.81
CA GLN A 57 -5.66 -2.66 46.42
C GLN A 57 -5.55 -2.38 44.92
N TYR A 58 -4.35 -2.60 44.37
CA TYR A 58 -4.09 -2.49 42.95
C TYR A 58 -4.82 -3.57 42.16
N ARG A 59 -4.84 -4.78 42.70
CA ARG A 59 -5.52 -5.93 42.09
C ARG A 59 -7.01 -5.65 41.91
N ASN A 60 -7.60 -4.95 42.88
CA ASN A 60 -9.00 -4.57 42.83
C ASN A 60 -9.28 -3.47 41.80
N GLY A 61 -8.40 -2.47 41.76
CA GLY A 61 -8.57 -1.32 40.89
C GLY A 61 -8.21 -1.56 39.43
N ASN A 62 -7.06 -2.17 39.20
CA ASN A 62 -6.54 -2.41 37.86
C ASN A 62 -7.25 -3.50 37.06
N ALA A 63 -8.11 -4.26 37.75
CA ALA A 63 -8.95 -5.26 37.09
C ALA A 63 -9.97 -4.57 36.18
N ALA A 64 -10.32 -5.23 35.09
CA ALA A 64 -11.25 -4.68 34.10
C ALA A 64 -12.65 -4.45 34.68
N TYR A 65 -13.30 -3.39 34.23
CA TYR A 65 -14.66 -3.04 34.64
C TYR A 65 -15.64 -4.14 34.24
N SER A 66 -15.55 -4.57 32.98
CA SER A 66 -16.33 -5.69 32.46
C SER A 66 -15.58 -6.37 31.31
N TYR A 67 -16.32 -7.05 30.43
CA TYR A 67 -15.74 -7.71 29.27
C TYR A 67 -16.49 -7.32 27.98
N ASP A 68 -16.81 -6.03 27.87
CA ASP A 68 -17.57 -5.50 26.74
C ASP A 68 -16.68 -4.73 25.78
N ASP A 69 -17.24 -4.40 24.61
CA ASP A 69 -16.55 -3.56 23.62
C ASP A 69 -16.27 -2.16 24.17
N LYS A 70 -17.16 -1.69 25.04
CA LYS A 70 -17.02 -0.37 25.68
C LYS A 70 -15.87 -0.35 26.68
N SER A 71 -15.75 -1.43 27.45
CA SER A 71 -14.73 -1.53 28.50
C SER A 71 -13.33 -1.80 27.94
N ILE A 72 -13.17 -2.95 27.30
CA ILE A 72 -11.88 -3.35 26.74
C ILE A 72 -11.90 -3.28 25.22
N GLU A 73 -10.95 -2.54 24.66
CA GLU A 73 -10.80 -2.40 23.21
C GLU A 73 -10.31 -3.71 22.61
N ASN A 74 -10.99 -4.18 21.57
CA ASN A 74 -10.68 -5.45 20.94
C ASN A 74 -10.90 -5.44 19.43
N VAL A 75 -10.11 -6.26 18.72
CA VAL A 75 -10.26 -6.44 17.27
C VAL A 75 -10.69 -7.87 16.99
N ASN A 76 -11.85 -8.01 16.33
CA ASN A 76 -12.45 -9.32 16.02
C ASN A 76 -12.70 -10.20 17.26
N GLY A 77 -12.37 -9.67 18.44
CA GLY A 77 -12.50 -10.39 19.70
C GLY A 77 -11.23 -10.41 20.52
N TYR A 78 -10.09 -10.40 19.83
CA TYR A 78 -8.77 -10.52 20.47
C TYR A 78 -8.21 -9.19 20.97
N LEU A 79 -7.13 -9.25 21.74
CA LEU A 79 -6.46 -8.06 22.25
C LEU A 79 -5.21 -7.73 21.46
N THR A 80 -4.91 -6.44 21.35
CA THR A 80 -3.72 -5.96 20.63
C THR A 80 -2.73 -5.32 21.59
N ALA A 81 -1.53 -5.01 21.09
CA ALA A 81 -0.51 -4.33 21.90
C ALA A 81 -0.93 -2.89 22.23
N ASP A 82 -1.68 -2.27 21.32
CA ASP A 82 -2.19 -0.91 21.52
C ASP A 82 -3.61 -0.94 22.09
N THR A 83 -3.81 -1.76 23.12
CA THR A 83 -5.13 -1.91 23.74
C THR A 83 -5.31 -1.01 24.96
N TRP A 84 -6.33 -0.16 24.91
CA TRP A 84 -6.82 0.55 26.07
C TRP A 84 -7.96 -0.21 26.67
N TYR A 85 -8.01 -0.26 28.01
CA TYR A 85 -9.12 -0.90 28.71
C TYR A 85 -9.68 0.01 29.80
N ARG A 86 -10.85 -0.34 30.32
CA ARG A 86 -11.47 0.38 31.43
C ARG A 86 -11.28 -0.38 32.74
N PRO A 87 -10.46 0.18 33.67
CA PRO A 87 -10.27 -0.45 34.98
C PRO A 87 -11.47 -0.23 35.89
N LYS A 88 -11.51 -0.94 37.01
CA LYS A 88 -12.58 -0.76 38.00
C LYS A 88 -12.37 0.56 38.75
N GLN A 89 -11.13 0.84 39.14
CA GLN A 89 -10.79 2.07 39.83
C GLN A 89 -9.53 2.75 39.27
N ILE A 90 -9.46 4.05 39.47
CA ILE A 90 -8.36 4.88 38.97
C ILE A 90 -7.64 5.56 40.15
N LEU A 91 -6.31 5.46 40.18
CA LEU A 91 -5.51 6.21 41.14
C LEU A 91 -5.47 7.69 40.76
N LYS A 92 -6.56 8.41 41.06
CA LYS A 92 -6.67 9.82 40.70
C LYS A 92 -5.55 10.65 41.33
N ASP A 93 -4.74 11.27 40.47
CA ASP A 93 -3.55 12.02 40.86
C ASP A 93 -2.50 11.13 41.56
N GLY A 94 -2.57 9.83 41.29
CA GLY A 94 -1.62 8.84 41.82
C GLY A 94 -1.64 8.67 43.33
N THR A 95 -2.77 8.98 43.96
CA THR A 95 -2.89 8.96 45.42
C THR A 95 -4.19 8.32 45.91
N THR A 96 -5.31 8.70 45.31
CA THR A 96 -6.63 8.25 45.76
C THR A 96 -7.34 7.39 44.72
N TRP A 97 -7.82 6.23 45.15
CA TRP A 97 -8.60 5.34 44.29
C TRP A 97 -9.99 5.86 44.10
N THR A 98 -10.42 5.97 42.84
CA THR A 98 -11.74 6.49 42.50
C THR A 98 -12.41 5.59 41.47
N ASP A 99 -13.71 5.36 41.63
CA ASP A 99 -14.48 4.53 40.69
C ASP A 99 -14.48 5.15 39.29
N SER A 100 -14.03 4.35 38.31
CA SER A 100 -13.81 4.83 36.95
C SER A 100 -15.09 5.18 36.20
N LYS A 101 -14.99 6.21 35.37
CA LYS A 101 -16.09 6.65 34.50
C LYS A 101 -16.03 5.91 33.17
N GLU A 102 -16.96 6.22 32.27
CA GLU A 102 -17.04 5.58 30.96
C GLU A 102 -15.87 5.97 30.03
N THR A 103 -15.29 7.15 30.28
CA THR A 103 -14.22 7.69 29.45
C THR A 103 -12.81 7.37 29.98
N ASP A 104 -12.72 6.85 31.20
CA ASP A 104 -11.45 6.51 31.82
C ASP A 104 -10.83 5.26 31.20
N MET A 105 -9.89 5.47 30.27
CA MET A 105 -9.24 4.38 29.55
C MET A 105 -7.74 4.36 29.79
N ARG A 106 -7.22 3.18 30.14
CA ARG A 106 -5.80 3.01 30.47
C ARG A 106 -5.13 1.96 29.58
N PRO A 107 -3.84 2.15 29.25
CA PRO A 107 -3.08 1.17 28.45
C PRO A 107 -2.92 -0.16 29.17
N ILE A 108 -3.06 -1.26 28.40
CA ILE A 108 -2.92 -2.60 28.95
C ILE A 108 -1.47 -2.90 29.35
N LEU A 109 -0.53 -2.23 28.68
CA LEU A 109 0.90 -2.41 28.97
C LEU A 109 1.34 -1.66 30.24
N MET A 110 0.43 -0.89 30.81
CA MET A 110 0.65 -0.24 32.11
C MET A 110 0.55 -1.26 33.25
N VAL A 111 -0.27 -2.29 33.03
CA VAL A 111 -0.52 -3.31 34.07
C VAL A 111 -0.03 -4.72 33.67
N TRP A 112 0.03 -4.99 32.37
CA TRP A 112 0.37 -6.33 31.87
C TRP A 112 1.56 -6.34 30.95
N TRP A 113 2.38 -7.38 31.08
CA TRP A 113 3.52 -7.61 30.19
C TRP A 113 3.63 -9.07 29.85
N PRO A 114 3.98 -9.39 28.58
CA PRO A 114 4.10 -10.77 28.12
C PRO A 114 5.21 -11.55 28.82
N ASN A 115 6.24 -10.84 29.26
CA ASN A 115 7.35 -11.42 30.03
C ASN A 115 8.04 -10.37 30.90
N THR A 116 8.91 -10.83 31.80
CA THR A 116 9.65 -9.94 32.69
C THR A 116 10.69 -9.09 31.94
N LEU A 117 11.19 -9.63 30.82
CA LEU A 117 12.17 -8.95 29.98
C LEU A 117 11.61 -7.69 29.34
N THR A 118 10.39 -7.79 28.81
CA THR A 118 9.72 -6.64 28.19
C THR A 118 9.22 -5.64 29.22
N GLN A 119 8.99 -6.10 30.45
CA GLN A 119 8.65 -5.22 31.56
C GLN A 119 9.85 -4.37 31.96
N ALA A 120 11.04 -4.97 31.87
CA ALA A 120 12.30 -4.25 32.11
C ALA A 120 12.56 -3.26 30.99
N TYR A 121 12.20 -3.63 29.76
CA TYR A 121 12.30 -2.73 28.60
C TYR A 121 11.26 -1.62 28.68
N TYR A 122 10.11 -1.94 29.26
CA TYR A 122 9.04 -0.98 29.51
C TYR A 122 9.52 0.13 30.44
N LEU A 123 10.08 -0.26 31.58
CA LEU A 123 10.59 0.68 32.58
C LEU A 123 11.68 1.59 32.02
N ASN A 124 12.61 1.01 31.28
CA ASN A 124 13.70 1.75 30.66
C ASN A 124 13.23 2.78 29.63
N TYR A 125 12.18 2.42 28.89
CA TYR A 125 11.60 3.31 27.88
C TYR A 125 10.77 4.42 28.52
N MET A 126 10.03 4.08 29.57
CA MET A 126 9.17 5.05 30.27
C MET A 126 10.01 6.00 31.15
N LYS A 127 11.25 5.61 31.42
CA LYS A 127 12.18 6.44 32.16
C LYS A 127 12.82 7.50 31.25
N GLN A 128 13.30 7.07 30.09
CA GLN A 128 14.00 7.94 29.15
C GLN A 128 13.06 8.86 28.38
N HIS A 129 12.14 8.26 27.62
CA HIS A 129 11.26 9.00 26.72
C HIS A 129 10.02 9.54 27.40
N GLY A 130 9.68 8.97 28.54
CA GLY A 130 8.47 9.35 29.27
C GLY A 130 8.69 10.22 30.48
N ASN A 131 9.88 10.11 31.08
CA ASN A 131 10.23 10.79 32.34
C ASN A 131 9.26 10.47 33.49
N LEU A 132 8.87 9.20 33.56
CA LEU A 132 7.93 8.72 34.58
C LEU A 132 8.68 7.96 35.69
N LEU A 133 10.00 8.06 35.66
CA LEU A 133 10.88 7.51 36.69
C LEU A 133 12.08 8.44 36.88
N PRO A 134 12.73 8.39 38.06
CA PRO A 134 13.95 9.18 38.29
C PRO A 134 15.03 8.91 37.24
N SER A 135 15.66 9.99 36.76
CA SER A 135 16.72 9.88 35.75
C SER A 135 18.01 9.30 36.33
N ALA A 136 18.16 9.40 37.65
CA ALA A 136 19.32 8.85 38.36
C ALA A 136 19.22 7.33 38.51
N LEU A 137 18.00 6.81 38.45
CA LEU A 137 17.75 5.37 38.58
C LEU A 137 18.35 4.60 37.39
N PRO A 138 19.14 3.54 37.69
CA PRO A 138 19.84 2.76 36.66
C PRO A 138 18.90 1.96 35.73
N PHE A 139 19.44 1.52 34.60
CA PHE A 139 18.69 0.72 33.64
C PHE A 139 18.48 -0.71 34.15
N PHE A 140 17.32 -1.27 33.85
CA PHE A 140 16.96 -2.61 34.29
C PHE A 140 17.42 -3.68 33.31
N ASN A 141 18.21 -4.63 33.81
CA ASN A 141 18.75 -5.72 33.00
C ASN A 141 17.83 -6.94 32.99
N ALA A 142 18.32 -8.03 32.40
CA ALA A 142 17.60 -9.30 32.40
C ALA A 142 17.74 -10.03 33.72
N ASP A 143 18.71 -9.60 34.53
CA ASP A 143 18.97 -10.20 35.85
C ASP A 143 18.13 -9.55 36.96
N ALA A 144 17.40 -8.49 36.61
CA ALA A 144 16.59 -7.73 37.56
C ALA A 144 15.55 -8.61 38.26
N ASP A 145 15.36 -8.36 39.55
CA ASP A 145 14.40 -9.09 40.38
C ASP A 145 12.97 -8.78 39.92
N PRO A 146 12.16 -9.84 39.67
CA PRO A 146 10.78 -9.70 39.21
C PRO A 146 9.90 -8.87 40.14
N ALA A 147 10.13 -8.99 41.45
CA ALA A 147 9.41 -8.19 42.44
C ALA A 147 9.86 -6.73 42.42
N GLU A 148 11.13 -6.51 42.10
CA GLU A 148 11.70 -5.16 41.98
C GLU A 148 11.17 -4.47 40.72
N LEU A 149 11.02 -5.24 39.65
CA LEU A 149 10.43 -4.74 38.40
C LEU A 149 8.96 -4.39 38.58
N ASN A 150 8.26 -5.19 39.37
CA ASN A 150 6.87 -4.93 39.75
C ASN A 150 6.73 -3.67 40.60
N HIS A 151 7.73 -3.42 41.44
CA HIS A 151 7.75 -2.26 42.33
C HIS A 151 7.79 -0.98 41.56
N TYR A 152 8.77 -0.85 40.66
CA TYR A 152 8.97 0.38 39.90
C TYR A 152 7.90 0.64 38.85
N SER A 153 7.36 -0.44 38.29
CA SER A 153 6.29 -0.34 37.28
C SER A 153 5.00 0.17 37.89
N GLU A 154 4.82 -0.10 39.19
CA GLU A 154 3.67 0.38 39.94
C GLU A 154 3.77 1.88 40.20
N ILE A 155 5.00 2.35 40.42
CA ILE A 155 5.28 3.78 40.58
C ILE A 155 4.99 4.54 39.28
N VAL A 156 5.31 3.91 38.15
CA VAL A 156 5.05 4.47 36.83
C VAL A 156 3.55 4.77 36.65
N GLN A 157 2.71 3.85 37.13
CA GLN A 157 1.26 4.06 37.11
C GLN A 157 0.86 5.32 37.87
N GLN A 158 1.42 5.48 39.08
CA GLN A 158 1.17 6.65 39.91
C GLN A 158 1.55 7.94 39.17
N ASN A 159 2.72 7.91 38.53
CA ASN A 159 3.23 9.05 37.78
C ASN A 159 2.45 9.35 36.49
N ILE A 160 1.95 8.29 35.86
CA ILE A 160 1.10 8.42 34.67
C ILE A 160 -0.20 9.15 35.06
N GLU A 161 -0.83 8.68 36.13
CA GLU A 161 -2.07 9.26 36.63
C GLU A 161 -1.89 10.69 37.14
N LYS A 162 -0.68 10.99 37.61
CA LYS A 162 -0.31 12.34 38.05
C LYS A 162 -0.31 13.32 36.87
N ARG A 163 0.21 12.85 35.73
CA ARG A 163 0.32 13.69 34.53
C ARG A 163 -1.04 13.89 33.85
N ILE A 164 -1.92 12.91 33.97
CA ILE A 164 -3.30 12.99 33.44
C ILE A 164 -4.11 14.02 34.22
N SER A 165 -3.92 14.04 35.54
CA SER A 165 -4.60 15.01 36.42
C SER A 165 -4.11 16.44 36.21
N GLU A 166 -2.90 16.58 35.68
CA GLU A 166 -2.29 17.88 35.43
C GLU A 166 -2.65 18.44 34.05
N THR A 167 -2.47 17.62 33.01
CA THR A 167 -2.74 18.04 31.64
C THR A 167 -4.22 17.93 31.27
N GLY A 168 -4.90 16.91 31.79
CA GLY A 168 -6.30 16.66 31.48
C GLY A 168 -6.47 15.85 30.21
N ASN A 169 -5.36 15.33 29.68
CA ASN A 169 -5.36 14.59 28.43
C ASN A 169 -4.89 13.14 28.58
N THR A 170 -5.33 12.29 27.66
CA THR A 170 -4.79 10.94 27.50
C THR A 170 -4.22 10.79 26.09
N ASP A 171 -4.15 11.90 25.37
CA ASP A 171 -3.65 11.94 23.99
C ASP A 171 -2.14 11.69 23.93
N TRP A 172 -1.42 12.21 24.93
CA TRP A 172 0.02 12.04 25.03
C TRP A 172 0.40 10.60 25.32
N LEU A 173 -0.50 9.89 26.01
CA LEU A 173 -0.31 8.47 26.31
C LEU A 173 -0.34 7.59 25.06
N ARG A 174 -1.36 7.80 24.22
CA ARG A 174 -1.50 7.02 22.99
C ARG A 174 -0.35 7.28 22.02
N THR A 175 0.32 8.42 22.19
CA THR A 175 1.53 8.74 21.42
C THR A 175 2.73 8.03 22.03
N LEU A 176 2.78 7.98 23.37
CA LEU A 176 3.90 7.38 24.10
C LEU A 176 3.88 5.85 24.05
N MET A 177 2.69 5.26 24.22
CA MET A 177 2.53 3.81 24.24
C MET A 177 2.67 3.18 22.86
N HIS A 178 2.24 3.92 21.82
CA HIS A 178 2.40 3.47 20.44
C HIS A 178 3.84 3.55 20.00
N ASP A 179 4.55 4.53 20.55
CA ASP A 179 5.99 4.68 20.31
C ASP A 179 6.80 3.57 20.97
N PHE A 180 6.32 3.10 22.12
CA PHE A 180 6.95 1.98 22.83
C PHE A 180 6.73 0.66 22.09
N VAL A 181 5.51 0.45 21.62
CA VAL A 181 5.12 -0.76 20.89
C VAL A 181 6.01 -0.97 19.65
N THR A 182 6.22 0.12 18.90
CA THR A 182 6.97 0.07 17.64
C THR A 182 8.47 -0.16 17.81
N ASN A 183 8.99 0.07 19.01
CA ASN A 183 10.42 -0.13 19.29
C ASN A 183 10.84 -1.58 19.46
N ASN A 184 9.94 -2.41 19.98
CA ASN A 184 10.21 -3.83 20.19
C ASN A 184 10.14 -4.63 18.90
N PRO A 185 11.12 -5.53 18.67
CA PRO A 185 11.13 -6.43 17.52
C PRO A 185 9.95 -7.40 17.51
N MET A 186 9.17 -7.42 18.59
CA MET A 186 8.00 -8.27 18.71
C MET A 186 6.77 -7.67 18.02
N TRP A 187 6.70 -6.34 17.99
CA TRP A 187 5.52 -5.63 17.51
C TRP A 187 5.81 -4.63 16.41
N ASN A 188 6.75 -4.95 15.53
CA ASN A 188 7.07 -4.07 14.39
C ASN A 188 7.56 -4.82 13.14
N LYS A 189 8.18 -4.08 12.22
CA LYS A 189 8.64 -4.61 10.92
C LYS A 189 9.80 -5.61 11.00
N ASP A 190 10.40 -5.73 12.18
CA ASP A 190 11.53 -6.65 12.40
C ASP A 190 11.10 -8.12 12.33
N SER A 191 9.90 -8.41 12.84
CA SER A 191 9.36 -9.76 12.86
C SER A 191 8.50 -10.05 11.63
N GLU A 192 8.60 -9.20 10.62
CA GLU A 192 7.74 -9.27 9.43
C GLU A 192 8.38 -9.98 8.24
N ASN A 193 9.71 -10.12 8.27
CA ASN A 193 10.50 -10.64 7.14
C ASN A 193 10.36 -9.76 5.89
N VAL A 194 10.64 -8.46 6.07
CA VAL A 194 10.50 -7.47 5.00
C VAL A 194 11.46 -7.76 3.85
N ASN A 195 10.89 -7.99 2.67
CA ASN A 195 11.67 -8.31 1.47
C ASN A 195 11.03 -7.76 0.20
N PHE A 196 11.86 -7.19 -0.67
CA PHE A 196 11.39 -6.53 -1.89
C PHE A 196 11.71 -7.32 -3.16
N SER A 197 11.60 -8.65 -3.06
CA SER A 197 11.92 -9.54 -4.18
C SER A 197 10.85 -9.51 -5.27
N GLY A 198 11.24 -9.02 -6.44
CA GLY A 198 10.38 -9.00 -7.62
C GLY A 198 9.16 -8.10 -7.49
N ILE A 199 7.98 -8.72 -7.50
CA ILE A 199 6.71 -8.00 -7.48
C ILE A 199 6.33 -7.48 -6.08
N GLN A 200 7.07 -7.89 -5.06
CA GLN A 200 6.85 -7.43 -3.68
C GLN A 200 7.27 -5.97 -3.51
N PHE A 201 6.41 -5.05 -3.99
CA PHE A 201 6.72 -3.62 -3.96
C PHE A 201 6.66 -3.02 -2.55
N GLN A 202 5.68 -3.47 -1.77
CA GLN A 202 5.40 -2.86 -0.47
C GLN A 202 6.08 -3.55 0.72
N GLY A 203 7.00 -4.46 0.43
CA GLY A 203 7.77 -5.14 1.46
C GLY A 203 7.46 -6.62 1.64
N GLY A 204 6.57 -7.15 0.80
CA GLY A 204 6.19 -8.56 0.85
C GLY A 204 4.72 -8.77 1.15
N PHE A 205 4.32 -10.04 1.24
CA PHE A 205 2.90 -10.39 1.36
C PHE A 205 2.59 -11.39 2.47
N LEU A 206 1.39 -11.25 3.04
CA LEU A 206 0.83 -12.21 3.98
C LEU A 206 -0.40 -12.85 3.36
N LYS A 207 -0.46 -14.19 3.43
CA LYS A 207 -1.55 -14.95 2.83
C LYS A 207 -2.54 -15.42 3.89
N TYR A 208 -3.82 -15.14 3.67
CA TYR A 208 -4.87 -15.55 4.62
C TYR A 208 -5.15 -17.04 4.54
N GLU A 209 -5.29 -17.67 5.71
CA GLU A 209 -5.54 -19.10 5.79
C GLU A 209 -6.72 -19.43 6.70
N ASN A 210 -7.38 -20.56 6.42
CA ASN A 210 -8.51 -21.04 7.21
C ASN A 210 -8.07 -21.55 8.57
N SER A 211 -8.82 -21.17 9.60
CA SER A 211 -8.50 -21.54 10.98
C SER A 211 -9.75 -21.56 11.87
N ASP A 212 -9.70 -22.38 12.91
CA ASP A 212 -10.76 -22.42 13.92
C ASP A 212 -10.82 -21.12 14.71
N LEU A 213 -9.65 -20.54 14.97
CA LEU A 213 -9.52 -19.30 15.74
C LEU A 213 -10.16 -18.10 15.05
N THR A 214 -10.12 -18.09 13.72
CA THR A 214 -10.75 -17.03 12.94
C THR A 214 -11.70 -17.60 11.88
N PRO A 215 -13.00 -17.74 12.24
CA PRO A 215 -14.03 -18.21 11.31
C PRO A 215 -14.39 -17.16 10.26
N TYR A 216 -14.09 -15.90 10.55
CA TYR A 216 -14.29 -14.79 9.62
C TYR A 216 -13.34 -14.89 8.42
N ALA A 217 -12.12 -15.29 8.68
CA ALA A 217 -11.07 -15.40 7.66
C ALA A 217 -11.25 -16.62 6.75
N ASN A 218 -12.15 -17.52 7.13
CA ASN A 218 -12.39 -18.76 6.39
C ASN A 218 -12.98 -18.56 5.01
N SER A 219 -12.45 -19.32 4.05
CA SER A 219 -12.92 -19.30 2.66
C SER A 219 -12.63 -20.65 2.02
N ASP A 220 -13.65 -21.22 1.37
CA ASP A 220 -13.52 -22.52 0.71
C ASP A 220 -12.71 -22.45 -0.59
N TYR A 221 -12.57 -21.23 -1.13
CA TYR A 221 -11.94 -21.04 -2.43
C TYR A 221 -10.48 -20.61 -2.33
N ARG A 222 -10.21 -19.32 -2.57
CA ARG A 222 -8.86 -18.76 -2.52
C ARG A 222 -7.83 -19.53 -3.36
N LEU A 223 -8.06 -19.55 -4.68
CA LEU A 223 -7.13 -20.20 -5.61
C LEU A 223 -6.08 -19.19 -6.09
N LEU A 224 -4.82 -19.61 -6.06
CA LEU A 224 -3.69 -18.70 -6.30
C LEU A 224 -2.99 -18.96 -7.63
N GLY A 225 -2.53 -17.87 -8.25
CA GLY A 225 -1.77 -17.92 -9.50
C GLY A 225 -2.55 -18.47 -10.68
N ARG A 226 -3.82 -18.05 -10.80
CA ARG A 226 -4.71 -18.57 -11.83
C ARG A 226 -4.74 -17.66 -13.07
N MET A 227 -3.55 -17.29 -13.55
CA MET A 227 -3.39 -16.48 -14.74
C MET A 227 -3.93 -17.20 -16.00
N PRO A 228 -4.06 -16.47 -17.13
CA PRO A 228 -4.58 -17.04 -18.38
C PRO A 228 -3.99 -18.40 -18.77
N ILE A 229 -2.70 -18.61 -18.53
CA ILE A 229 -2.03 -19.87 -18.85
C ILE A 229 -2.29 -20.92 -17.78
N ASN A 230 -2.59 -20.45 -16.56
CA ASN A 230 -2.74 -21.34 -15.41
C ASN A 230 -4.14 -21.31 -14.79
N ILE A 231 -5.17 -21.29 -15.65
CA ILE A 231 -6.55 -21.37 -15.18
C ILE A 231 -6.83 -22.76 -14.60
N LYS A 232 -6.58 -23.78 -15.43
CA LYS A 232 -6.78 -25.17 -15.04
C LYS A 232 -5.68 -25.63 -14.07
N ASP A 233 -4.73 -24.74 -13.79
CA ASP A 233 -3.51 -25.03 -13.02
C ASP A 233 -2.68 -26.11 -13.71
N GLN A 234 -2.64 -26.03 -15.03
CA GLN A 234 -1.96 -27.04 -15.86
C GLN A 234 -0.47 -26.78 -15.95
N THR A 235 -0.09 -25.50 -15.99
CA THR A 235 1.31 -25.09 -16.08
C THR A 235 1.82 -24.56 -14.73
N TYR A 236 2.71 -23.57 -14.77
CA TYR A 236 3.21 -22.91 -13.56
C TYR A 236 2.26 -21.79 -13.13
N ARG A 237 2.08 -21.63 -11.83
CA ARG A 237 1.23 -20.56 -11.30
C ARG A 237 1.99 -19.24 -11.17
N GLY A 238 1.38 -18.17 -11.66
CA GLY A 238 2.00 -16.85 -11.68
C GLY A 238 1.95 -16.10 -10.36
N GLN A 239 2.14 -14.80 -10.44
CA GLN A 239 2.18 -13.95 -9.25
C GLN A 239 0.80 -13.40 -8.92
N GLU A 240 0.14 -14.04 -7.97
CA GLU A 240 -1.22 -13.67 -7.56
C GLU A 240 -1.22 -12.36 -6.77
N PHE A 241 -0.23 -12.20 -5.91
CA PHE A 241 -0.11 -11.00 -5.07
C PHE A 241 0.70 -9.93 -5.79
N LEU A 242 0.18 -8.70 -5.78
CA LEU A 242 0.80 -7.58 -6.47
C LEU A 242 0.92 -6.36 -5.56
N LEU A 243 -0.22 -5.83 -5.14
CA LEU A 243 -0.27 -4.62 -4.33
C LEU A 243 -1.44 -4.65 -3.35
N ALA A 244 -1.27 -3.97 -2.21
CA ALA A 244 -2.32 -3.77 -1.19
C ALA A 244 -3.09 -5.05 -0.82
N ASN A 245 -4.41 -4.92 -0.68
CA ASN A 245 -5.29 -6.05 -0.38
C ASN A 245 -5.71 -6.80 -1.65
N ASP A 246 -5.10 -7.97 -1.84
CA ASP A 246 -5.33 -8.79 -3.03
C ASP A 246 -6.73 -9.42 -3.01
N ILE A 247 -7.56 -9.01 -3.97
CA ILE A 247 -8.93 -9.50 -4.09
C ILE A 247 -8.96 -10.95 -4.59
N ASP A 248 -9.66 -11.80 -3.85
CA ASP A 248 -9.85 -13.21 -4.24
C ASP A 248 -10.87 -13.32 -5.36
N ASN A 249 -10.38 -13.62 -6.57
CA ASN A 249 -11.23 -13.73 -7.75
C ASN A 249 -11.60 -15.19 -8.06
N SER A 250 -11.34 -16.07 -7.10
CA SER A 250 -11.75 -17.47 -7.19
C SER A 250 -13.15 -17.60 -6.59
N ASN A 251 -13.45 -16.72 -5.64
CA ASN A 251 -14.74 -16.69 -4.95
C ASN A 251 -15.86 -16.22 -5.87
N PRO A 252 -16.84 -17.10 -6.15
CA PRO A 252 -17.95 -16.81 -7.06
C PRO A 252 -18.82 -15.65 -6.60
N VAL A 253 -18.79 -15.35 -5.30
CA VAL A 253 -19.47 -14.19 -4.74
C VAL A 253 -18.80 -12.91 -5.25
N VAL A 254 -17.47 -12.94 -5.29
CA VAL A 254 -16.67 -11.83 -5.81
C VAL A 254 -16.77 -11.76 -7.34
N GLN A 255 -16.71 -12.93 -7.98
CA GLN A 255 -16.79 -13.01 -9.44
C GLN A 255 -18.06 -12.35 -10.00
N ALA A 256 -19.18 -12.54 -9.28
CA ALA A 256 -20.44 -11.90 -9.62
C ALA A 256 -20.38 -10.40 -9.37
N GLU A 257 -19.72 -10.01 -8.28
CA GLU A 257 -19.49 -8.61 -7.93
C GLU A 257 -18.65 -7.89 -8.98
N GLN A 258 -17.67 -8.60 -9.54
CA GLN A 258 -16.82 -8.06 -10.60
C GLN A 258 -17.59 -7.86 -11.91
N LEU A 259 -18.54 -8.75 -12.17
CA LEU A 259 -19.47 -8.60 -13.29
C LEU A 259 -20.42 -7.43 -13.04
N ASN A 260 -20.85 -7.29 -11.79
CA ASN A 260 -21.69 -6.18 -11.35
C ASN A 260 -21.00 -4.83 -11.54
N TRP A 261 -19.70 -4.80 -11.23
CA TRP A 261 -18.89 -3.61 -11.33
C TRP A 261 -18.56 -3.28 -12.76
N LEU A 262 -18.45 -4.32 -13.60
CA LEU A 262 -18.23 -4.15 -15.03
C LEU A 262 -19.43 -3.49 -15.71
N TYR A 263 -20.64 -3.86 -15.27
CA TYR A 263 -21.88 -3.27 -15.76
C TYR A 263 -21.99 -1.81 -15.34
N TYR A 264 -21.53 -1.52 -14.11
CA TYR A 264 -21.52 -0.16 -13.57
C TYR A 264 -20.67 0.78 -14.41
N LEU A 265 -19.50 0.31 -14.81
CA LEU A 265 -18.58 1.09 -15.64
C LEU A 265 -19.11 1.29 -17.05
N LEU A 266 -19.64 0.22 -17.64
CA LEU A 266 -20.12 0.24 -19.03
C LEU A 266 -21.44 0.99 -19.20
N ASN A 267 -22.10 1.32 -18.09
CA ASN A 267 -23.36 2.07 -18.13
C ASN A 267 -23.37 3.28 -17.19
N PHE A 268 -22.17 3.77 -16.86
CA PHE A 268 -21.97 4.81 -15.83
C PHE A 268 -22.90 6.02 -15.92
N GLY A 269 -23.04 6.58 -17.12
CA GLY A 269 -23.88 7.76 -17.34
C GLY A 269 -25.34 7.54 -16.99
N THR A 270 -25.85 6.36 -17.35
CA THR A 270 -27.23 5.98 -17.07
C THR A 270 -27.42 5.76 -15.57
N ILE A 271 -26.45 5.14 -14.93
CA ILE A 271 -26.52 4.78 -13.51
C ILE A 271 -26.55 6.01 -12.60
N THR A 272 -25.71 7.00 -12.92
CA THR A 272 -25.51 8.15 -12.02
C THR A 272 -26.35 9.38 -12.39
N ALA A 273 -26.52 9.65 -13.68
CA ALA A 273 -27.22 10.86 -14.13
C ALA A 273 -28.20 10.63 -15.28
N ASN A 274 -28.64 9.38 -15.45
CA ASN A 274 -29.59 8.99 -16.51
C ASN A 274 -29.13 9.35 -17.93
N ASN A 275 -27.82 9.52 -18.09
CA ASN A 275 -27.22 9.92 -19.36
C ASN A 275 -27.05 8.74 -20.32
N ASP A 276 -27.07 9.03 -21.62
CA ASP A 276 -26.95 7.98 -22.63
C ASP A 276 -25.56 7.91 -23.24
N GLN A 277 -25.02 9.07 -23.62
CA GLN A 277 -23.71 9.14 -24.28
C GLN A 277 -22.53 9.15 -23.30
N ALA A 278 -22.83 9.18 -22.01
CA ALA A 278 -21.81 9.22 -20.97
C ALA A 278 -21.46 7.83 -20.42
N ASN A 279 -21.57 6.82 -21.28
CA ASN A 279 -21.23 5.44 -20.92
C ASN A 279 -19.92 4.97 -21.55
N PHE A 280 -19.16 4.18 -20.80
CA PHE A 280 -17.94 3.56 -21.33
C PHE A 280 -18.29 2.43 -22.30
N ASP A 281 -17.55 2.35 -23.40
CA ASP A 281 -17.84 1.39 -24.48
C ASP A 281 -16.97 0.14 -24.40
N SER A 282 -15.76 0.31 -23.88
CA SER A 282 -14.80 -0.79 -23.78
C SER A 282 -14.08 -0.79 -22.43
N VAL A 283 -13.32 -1.85 -22.17
CA VAL A 283 -12.58 -1.99 -20.90
C VAL A 283 -11.11 -2.38 -21.10
N ARG A 284 -10.28 -1.95 -20.16
CA ARG A 284 -8.88 -2.38 -20.11
C ARG A 284 -8.67 -3.24 -18.87
N VAL A 285 -8.29 -4.49 -19.07
CA VAL A 285 -8.08 -5.42 -17.96
C VAL A 285 -6.72 -5.17 -17.31
N ASP A 286 -6.76 -4.58 -16.12
CA ASP A 286 -5.54 -4.27 -15.37
C ASP A 286 -5.01 -5.52 -14.67
N ALA A 287 -3.73 -5.80 -14.89
CA ALA A 287 -3.05 -6.98 -14.34
C ALA A 287 -3.82 -8.29 -14.59
N PRO A 288 -3.87 -8.74 -15.87
CA PRO A 288 -4.54 -9.99 -16.22
C PRO A 288 -3.78 -11.22 -15.73
N ASP A 289 -2.46 -11.12 -15.68
CA ASP A 289 -1.60 -12.22 -15.27
C ASP A 289 -1.44 -12.33 -13.75
N ASN A 290 -2.14 -11.45 -13.03
CA ASN A 290 -2.09 -11.42 -11.57
C ASN A 290 -3.38 -11.89 -10.90
N ILE A 291 -4.45 -11.98 -11.69
CA ILE A 291 -5.77 -12.36 -11.18
C ILE A 291 -6.19 -13.74 -11.67
N ASP A 292 -7.29 -14.25 -11.13
CA ASP A 292 -7.93 -15.46 -11.65
C ASP A 292 -8.57 -15.11 -12.99
N ALA A 293 -8.05 -15.72 -14.06
CA ALA A 293 -8.47 -15.39 -15.42
C ALA A 293 -9.88 -15.91 -15.78
N ASP A 294 -10.65 -16.23 -14.74
CA ASP A 294 -12.07 -16.49 -14.90
C ASP A 294 -12.80 -15.22 -15.30
N LEU A 295 -12.32 -14.08 -14.79
CA LEU A 295 -12.90 -12.77 -15.04
C LEU A 295 -12.87 -12.37 -16.52
N MET A 296 -11.95 -12.96 -17.27
CA MET A 296 -11.87 -12.73 -18.72
C MET A 296 -13.05 -13.39 -19.41
N ASN A 297 -13.33 -14.64 -19.02
CA ASN A 297 -14.44 -15.42 -19.58
C ASN A 297 -15.80 -14.86 -19.17
N ILE A 298 -15.87 -14.29 -17.96
CA ILE A 298 -17.08 -13.63 -17.46
C ILE A 298 -17.33 -12.33 -18.25
N ALA A 299 -16.26 -11.57 -18.46
CA ALA A 299 -16.33 -10.35 -19.28
C ALA A 299 -16.65 -10.69 -20.74
N GLN A 300 -16.16 -11.83 -21.20
CA GLN A 300 -16.47 -12.35 -22.53
C GLN A 300 -17.96 -12.69 -22.64
N ASP A 301 -18.47 -13.38 -21.62
CA ASP A 301 -19.87 -13.81 -21.59
C ASP A 301 -20.85 -12.64 -21.61
N TYR A 302 -20.50 -11.55 -20.94
CA TYR A 302 -21.33 -10.35 -20.94
C TYR A 302 -21.27 -9.59 -22.27
N PHE A 303 -20.07 -9.41 -22.79
CA PHE A 303 -19.86 -8.69 -24.06
C PHE A 303 -20.50 -9.40 -25.25
N ASN A 304 -20.58 -10.73 -25.18
CA ASN A 304 -21.23 -11.52 -26.21
C ASN A 304 -22.76 -11.52 -26.10
N ALA A 305 -23.26 -11.25 -24.90
CA ALA A 305 -24.70 -11.28 -24.65
C ALA A 305 -25.35 -9.89 -24.68
N ALA A 306 -24.62 -8.89 -24.19
CA ALA A 306 -25.14 -7.52 -24.09
C ALA A 306 -24.86 -6.69 -25.35
N TYR A 307 -23.67 -6.88 -25.91
CA TYR A 307 -23.27 -6.15 -27.11
C TYR A 307 -23.34 -7.02 -28.36
N GLY A 308 -23.23 -8.34 -28.17
CA GLY A 308 -23.32 -9.31 -29.26
C GLY A 308 -22.24 -9.10 -30.30
N MET A 309 -21.02 -9.49 -29.95
CA MET A 309 -19.85 -9.20 -30.79
C MET A 309 -19.52 -10.35 -31.75
N ASP A 310 -20.28 -10.40 -32.84
CA ASP A 310 -20.09 -11.40 -33.89
C ASP A 310 -20.08 -10.74 -35.28
N SER A 311 -20.09 -9.41 -35.28
CA SER A 311 -20.02 -8.62 -36.50
C SER A 311 -18.87 -7.61 -36.40
N ASP A 312 -18.11 -7.47 -37.49
CA ASP A 312 -16.95 -6.56 -37.54
C ASP A 312 -17.31 -5.11 -37.23
N ALA A 313 -18.52 -4.70 -37.62
CA ALA A 313 -19.00 -3.34 -37.37
C ALA A 313 -19.41 -3.12 -35.91
N VAL A 314 -19.89 -4.20 -35.27
CA VAL A 314 -20.32 -4.14 -33.88
C VAL A 314 -19.13 -4.29 -32.93
N SER A 315 -18.26 -5.25 -33.24
CA SER A 315 -17.08 -5.55 -32.41
C SER A 315 -16.09 -4.39 -32.36
N ASN A 316 -15.86 -3.76 -33.52
CA ASN A 316 -14.92 -2.64 -33.63
C ASN A 316 -15.43 -1.35 -32.99
N LYS A 317 -16.67 -1.36 -32.51
CA LYS A 317 -17.23 -0.24 -31.75
C LYS A 317 -17.04 -0.44 -30.24
N HIS A 318 -16.55 -1.63 -29.87
CA HIS A 318 -16.22 -1.94 -28.48
C HIS A 318 -14.94 -2.73 -28.43
N ILE A 319 -13.81 -2.03 -28.50
CA ILE A 319 -12.50 -2.68 -28.55
C ILE A 319 -11.83 -2.76 -27.19
N ASN A 320 -11.91 -3.94 -26.58
CA ASN A 320 -11.29 -4.21 -25.28
C ASN A 320 -9.83 -4.62 -25.46
N ILE A 321 -8.99 -4.21 -24.51
CA ILE A 321 -7.56 -4.60 -24.53
C ILE A 321 -7.10 -5.17 -23.20
N LEU A 322 -6.02 -5.97 -23.25
CA LEU A 322 -5.42 -6.58 -22.07
C LEU A 322 -4.05 -5.99 -21.80
N GLU A 323 -3.61 -6.08 -20.55
CA GLU A 323 -2.25 -5.70 -20.18
C GLU A 323 -1.43 -6.96 -19.92
N ASP A 324 -1.46 -7.87 -20.90
CA ASP A 324 -0.82 -9.19 -20.76
C ASP A 324 0.66 -9.19 -21.16
N TRP A 325 1.52 -9.03 -20.16
CA TRP A 325 2.97 -8.99 -20.38
C TRP A 325 3.57 -10.35 -20.58
N ASN A 326 2.78 -11.39 -20.31
CA ASN A 326 3.22 -12.78 -20.48
C ASN A 326 3.36 -13.12 -21.96
N HIS A 327 4.45 -13.82 -22.29
CA HIS A 327 4.79 -14.17 -23.67
C HIS A 327 3.94 -15.26 -24.24
N ALA A 328 3.40 -16.12 -23.37
CA ALA A 328 2.55 -17.23 -23.80
C ALA A 328 1.07 -16.85 -23.86
N ASP A 329 0.75 -15.61 -23.43
CA ASP A 329 -0.63 -15.13 -23.37
C ASP A 329 -1.36 -14.94 -24.71
N PRO A 330 -0.65 -14.48 -25.78
CA PRO A 330 -1.32 -14.36 -27.08
C PRO A 330 -1.95 -15.66 -27.56
N GLU A 331 -1.30 -16.79 -27.27
CA GLU A 331 -1.84 -18.11 -27.58
C GLU A 331 -3.21 -18.33 -26.94
N TYR A 332 -3.24 -18.32 -25.60
CA TYR A 332 -4.46 -18.58 -24.84
C TYR A 332 -5.63 -17.69 -25.29
N PHE A 333 -5.37 -16.40 -25.43
CA PHE A 333 -6.41 -15.46 -25.80
C PHE A 333 -6.91 -15.63 -27.24
N ASN A 334 -6.06 -16.18 -28.10
CA ASN A 334 -6.46 -16.56 -29.44
C ASN A 334 -7.29 -17.84 -29.44
N LYS A 335 -6.98 -18.73 -28.50
CA LYS A 335 -7.70 -20.00 -28.34
C LYS A 335 -9.13 -19.78 -27.84
N ILE A 336 -9.32 -18.82 -26.95
CA ILE A 336 -10.64 -18.54 -26.37
C ILE A 336 -11.47 -17.54 -27.18
N GLY A 337 -10.93 -17.11 -28.31
CA GLY A 337 -11.68 -16.27 -29.25
C GLY A 337 -11.52 -14.78 -29.07
N ASN A 338 -10.32 -14.36 -28.68
CA ASN A 338 -9.94 -12.94 -28.54
C ASN A 338 -11.04 -12.00 -28.02
N PRO A 339 -11.55 -12.26 -26.79
CA PRO A 339 -12.58 -11.37 -26.24
C PRO A 339 -12.04 -9.97 -25.93
N GLN A 340 -10.78 -9.92 -25.52
CA GLN A 340 -10.04 -8.68 -25.35
C GLN A 340 -8.74 -8.81 -26.14
N LEU A 341 -8.25 -7.68 -26.68
CA LEU A 341 -7.05 -7.69 -27.51
C LEU A 341 -5.79 -7.94 -26.70
N THR A 342 -5.00 -8.93 -27.13
CA THR A 342 -3.68 -9.17 -26.56
C THR A 342 -2.69 -8.13 -27.08
N MET A 343 -1.77 -7.70 -26.22
CA MET A 343 -0.70 -6.80 -26.66
C MET A 343 0.38 -7.60 -27.38
N ASP A 344 1.06 -6.93 -28.31
CA ASP A 344 2.18 -7.55 -28.99
C ASP A 344 3.49 -7.06 -28.38
N ASP A 345 3.99 -7.84 -27.43
CA ASP A 345 5.22 -7.52 -26.70
C ASP A 345 6.46 -7.74 -27.58
N THR A 346 6.29 -8.52 -28.64
CA THR A 346 7.39 -8.86 -29.53
C THR A 346 7.83 -7.67 -30.40
N ILE A 347 6.87 -6.92 -30.95
CA ILE A 347 7.19 -5.69 -31.69
C ILE A 347 7.78 -4.66 -30.73
N LYS A 348 7.18 -4.54 -29.55
CA LYS A 348 7.67 -3.65 -28.51
C LYS A 348 9.15 -3.95 -28.22
N ASN A 349 9.49 -5.23 -28.09
CA ASN A 349 10.88 -5.66 -27.91
C ASN A 349 11.74 -5.38 -29.14
N SER A 350 11.16 -5.59 -30.33
CA SER A 350 11.86 -5.37 -31.59
C SER A 350 12.13 -3.88 -31.85
N LEU A 351 11.19 -3.03 -31.40
CA LEU A 351 11.32 -1.58 -31.56
C LEU A 351 12.18 -0.96 -30.46
N ASN A 352 12.00 -1.40 -29.22
CA ASN A 352 12.77 -0.89 -28.09
C ASN A 352 14.24 -1.29 -28.15
N HIS A 353 14.50 -2.56 -28.40
CA HIS A 353 15.88 -3.05 -28.48
C HIS A 353 16.51 -2.74 -29.81
N GLY A 354 15.69 -2.40 -30.80
CA GLY A 354 16.19 -2.09 -32.13
C GLY A 354 16.48 -0.62 -32.37
N LEU A 355 15.75 0.26 -31.68
CA LEU A 355 15.86 1.71 -31.92
C LEU A 355 16.02 2.54 -30.64
N SER A 356 15.44 2.07 -29.53
CA SER A 356 15.38 2.86 -28.30
C SER A 356 16.56 2.65 -27.35
N ASP A 357 17.23 1.49 -27.46
CA ASP A 357 18.36 1.16 -26.60
C ASP A 357 19.53 2.13 -26.75
N ALA A 358 20.32 2.26 -25.68
CA ALA A 358 21.49 3.14 -25.68
C ALA A 358 22.69 2.47 -26.33
N THR A 359 22.89 1.20 -26.04
CA THR A 359 24.02 0.44 -26.54
C THR A 359 23.61 -0.94 -27.09
N ASN A 360 24.39 -1.46 -28.03
CA ASN A 360 24.17 -2.77 -28.65
C ASN A 360 22.76 -2.97 -29.19
N ARG A 361 22.38 -2.15 -30.16
CA ARG A 361 21.08 -2.25 -30.80
C ARG A 361 20.87 -3.59 -31.52
N TRP A 362 19.62 -4.03 -31.54
CA TRP A 362 19.23 -5.24 -32.25
C TRP A 362 19.25 -5.02 -33.74
N GLY A 363 19.42 -6.10 -34.49
CA GLY A 363 19.28 -6.07 -35.94
C GLY A 363 17.83 -5.79 -36.30
N LEU A 364 17.61 -4.91 -37.28
CA LEU A 364 16.26 -4.49 -37.65
C LEU A 364 15.45 -5.55 -38.39
N ASP A 365 15.99 -6.78 -38.44
CA ASP A 365 15.24 -7.94 -38.92
C ASP A 365 14.12 -8.24 -37.94
N ALA A 366 14.38 -7.93 -36.67
CA ALA A 366 13.44 -8.15 -35.58
C ALA A 366 12.12 -7.45 -35.81
N ILE A 367 12.18 -6.20 -36.29
CA ILE A 367 10.97 -5.43 -36.59
C ILE A 367 10.13 -6.15 -37.66
N VAL A 368 10.82 -6.72 -38.63
CA VAL A 368 10.17 -7.45 -39.72
C VAL A 368 9.58 -8.78 -39.25
N HIS A 369 10.45 -9.66 -38.73
CA HIS A 369 10.07 -11.05 -38.44
C HIS A 369 9.53 -11.32 -37.07
N GLN A 370 10.07 -10.62 -36.05
CA GLN A 370 9.67 -10.87 -34.67
C GLN A 370 8.43 -10.07 -34.26
N SER A 371 7.27 -10.68 -34.47
CA SER A 371 5.97 -10.11 -34.09
C SER A 371 4.87 -11.15 -34.33
N LEU A 372 3.63 -10.76 -34.05
CA LEU A 372 2.48 -11.63 -34.36
C LEU A 372 2.13 -11.58 -35.84
N ALA A 373 2.77 -10.66 -36.57
CA ALA A 373 2.56 -10.51 -38.00
C ALA A 373 3.87 -10.17 -38.71
N ASP A 374 4.38 -11.11 -39.51
CA ASP A 374 5.57 -10.88 -40.33
C ASP A 374 5.20 -9.92 -41.47
N ARG A 375 5.86 -8.77 -41.49
CA ARG A 375 5.51 -7.69 -42.41
C ARG A 375 6.52 -7.48 -43.54
N GLU A 376 7.21 -8.55 -43.93
CA GLU A 376 8.12 -8.50 -45.07
C GLU A 376 7.33 -8.48 -46.37
N ASN A 377 6.38 -9.41 -46.50
CA ASN A 377 5.48 -9.48 -47.64
C ASN A 377 4.06 -9.79 -47.20
N ASN A 378 3.58 -9.03 -46.23
CA ASN A 378 2.24 -9.20 -45.68
C ASN A 378 1.18 -8.64 -46.62
N SER A 379 0.50 -9.55 -47.33
CA SER A 379 -0.54 -9.19 -48.28
C SER A 379 -1.83 -9.96 -48.05
N THR A 380 -1.89 -10.67 -46.92
CA THR A 380 -3.06 -11.44 -46.53
C THR A 380 -3.78 -10.79 -45.34
N GLU A 381 -5.09 -10.97 -45.29
CA GLU A 381 -5.91 -10.45 -44.20
C GLU A 381 -6.66 -11.58 -43.48
N ASN A 382 -7.07 -11.32 -42.24
CA ASN A 382 -7.75 -12.29 -41.38
C ASN A 382 -6.92 -13.56 -41.14
N VAL A 383 -5.63 -13.38 -40.82
CA VAL A 383 -4.71 -14.50 -40.65
C VAL A 383 -3.93 -14.48 -39.33
N VAL A 384 -3.65 -13.29 -38.83
CA VAL A 384 -2.87 -13.13 -37.59
C VAL A 384 -3.77 -12.92 -36.37
N ILE A 385 -3.18 -13.01 -35.18
CA ILE A 385 -3.91 -12.76 -33.94
C ILE A 385 -4.16 -11.26 -33.79
N PRO A 386 -5.45 -10.84 -33.70
CA PRO A 386 -5.78 -9.43 -33.54
C PRO A 386 -5.12 -8.86 -32.28
N ASN A 387 -4.40 -7.75 -32.46
CA ASN A 387 -3.55 -7.21 -31.41
C ASN A 387 -3.37 -5.69 -31.48
N TYR A 388 -3.08 -5.11 -30.32
CA TYR A 388 -2.66 -3.71 -30.24
C TYR A 388 -1.18 -3.66 -29.83
N SER A 389 -0.45 -2.68 -30.34
CA SER A 389 0.96 -2.52 -29.99
C SER A 389 1.31 -1.08 -29.65
N PHE A 390 2.37 -0.91 -28.87
CA PHE A 390 2.82 0.40 -28.40
C PHE A 390 4.32 0.42 -28.13
N VAL A 391 4.89 1.62 -28.09
CA VAL A 391 6.31 1.80 -27.77
C VAL A 391 6.48 1.98 -26.26
N ARG A 392 5.73 2.92 -25.70
CA ARG A 392 5.76 3.20 -24.26
C ARG A 392 4.35 3.18 -23.66
N ALA A 393 4.28 3.06 -22.34
CA ALA A 393 3.01 3.12 -21.60
C ALA A 393 3.18 3.97 -20.33
N HIS A 394 2.14 4.01 -19.50
CA HIS A 394 2.21 4.76 -18.23
C HIS A 394 3.07 4.06 -17.22
N ASP A 395 3.05 2.72 -17.27
CA ASP A 395 3.80 1.88 -16.34
C ASP A 395 5.08 1.30 -16.95
N ASN A 396 5.20 1.43 -18.27
CA ASN A 396 6.34 0.87 -19.01
C ASN A 396 7.14 1.95 -19.72
N ASN A 397 8.46 1.88 -19.61
CA ASN A 397 9.40 2.81 -20.24
C ASN A 397 9.25 4.28 -19.81
N SER A 398 8.65 4.51 -18.64
CA SER A 398 8.47 5.85 -18.11
C SER A 398 8.44 5.87 -16.58
N GLN A 399 7.54 5.07 -16.01
CA GLN A 399 7.28 5.03 -14.58
C GLN A 399 8.55 4.94 -13.73
N ASP A 400 9.46 4.05 -14.13
CA ASP A 400 10.70 3.82 -13.40
C ASP A 400 11.75 4.89 -13.70
N GLN A 401 11.76 5.37 -14.94
CA GLN A 401 12.75 6.35 -15.39
C GLN A 401 12.50 7.73 -14.80
N ILE A 402 11.25 8.17 -14.84
CA ILE A 402 10.82 9.46 -14.26
C ILE A 402 11.13 9.48 -12.77
N GLN A 403 10.85 8.36 -12.11
CA GLN A 403 11.10 8.19 -10.68
C GLN A 403 12.59 8.28 -10.37
N ASN A 404 13.41 7.76 -11.28
CA ASN A 404 14.86 7.83 -11.16
C ASN A 404 15.40 9.24 -11.33
N ALA A 405 14.73 10.04 -12.15
CA ALA A 405 15.09 11.44 -12.37
C ALA A 405 14.88 12.26 -11.09
N ILE A 406 13.79 11.96 -10.37
CA ILE A 406 13.50 12.58 -9.08
C ILE A 406 14.51 12.07 -8.05
N ARG A 407 14.82 10.78 -8.13
CA ARG A 407 15.78 10.13 -7.23
C ARG A 407 17.20 10.67 -7.38
N ASP A 408 17.54 11.12 -8.60
CA ASP A 408 18.87 11.64 -8.88
C ASP A 408 19.01 13.12 -8.53
N VAL A 409 17.96 13.90 -8.77
CA VAL A 409 18.01 15.34 -8.55
C VAL A 409 17.79 15.72 -7.07
N THR A 410 16.90 15.01 -6.39
CA THR A 410 16.54 15.33 -5.00
C THR A 410 16.93 14.24 -4.01
N GLY A 411 16.90 12.99 -4.46
CA GLY A 411 17.26 11.84 -3.62
C GLY A 411 16.12 11.39 -2.73
N LYS A 412 14.95 11.22 -3.32
CA LYS A 412 13.74 10.83 -2.56
C LYS A 412 12.84 9.86 -3.34
N ASP A 413 12.26 8.91 -2.61
CA ASP A 413 11.25 7.99 -3.16
C ASP A 413 9.89 8.67 -3.22
N TYR A 414 8.87 7.91 -3.61
CA TYR A 414 7.49 8.40 -3.50
C TYR A 414 7.06 8.53 -2.04
N HIS A 415 7.82 7.89 -1.14
CA HIS A 415 7.68 8.09 0.30
C HIS A 415 8.15 9.48 0.65
N THR A 416 7.23 10.43 0.59
CA THR A 416 7.48 11.86 0.85
C THR A 416 8.51 12.52 -0.06
N PHE A 417 8.02 13.30 -1.03
CA PHE A 417 8.89 14.20 -1.80
C PHE A 417 8.30 15.59 -2.07
N THR A 418 6.97 15.70 -1.95
CA THR A 418 6.21 16.93 -2.25
C THR A 418 6.25 17.34 -3.75
N PHE A 419 5.29 18.18 -4.15
CA PHE A 419 5.19 18.65 -5.53
C PHE A 419 6.45 19.29 -6.08
N GLU A 420 7.15 20.04 -5.23
CA GLU A 420 8.37 20.75 -5.62
C GLU A 420 9.46 19.80 -6.12
N ASP A 421 9.66 18.69 -5.40
CA ASP A 421 10.67 17.70 -5.78
C ASP A 421 10.22 16.84 -6.96
N GLU A 422 8.90 16.69 -7.11
CA GLU A 422 8.32 16.02 -8.28
C GLU A 422 8.56 16.88 -9.53
N GLN A 423 8.43 18.19 -9.36
CA GLN A 423 8.64 19.16 -10.43
C GLN A 423 10.11 19.24 -10.83
N LYS A 424 11.01 19.13 -9.86
CA LYS A 424 12.45 19.14 -10.10
C LYS A 424 12.91 17.93 -10.91
N GLY A 425 12.27 16.78 -10.64
CA GLY A 425 12.56 15.55 -11.36
C GLY A 425 12.07 15.59 -12.80
N ILE A 426 10.88 16.17 -12.99
CA ILE A 426 10.29 16.34 -14.32
C ILE A 426 11.16 17.28 -15.18
N ASP A 427 11.61 18.38 -14.58
CA ASP A 427 12.49 19.33 -15.27
C ASP A 427 13.75 18.65 -15.82
N ALA A 428 14.32 17.76 -15.02
CA ALA A 428 15.51 16.98 -15.43
C ALA A 428 15.15 15.94 -16.48
N TYR A 429 13.93 15.41 -16.41
CA TYR A 429 13.45 14.38 -17.33
C TYR A 429 13.17 14.95 -18.73
N ILE A 430 12.56 16.13 -18.78
CA ILE A 430 12.22 16.78 -20.05
C ILE A 430 13.46 17.37 -20.72
N GLN A 431 14.41 17.85 -19.92
CA GLN A 431 15.71 18.29 -20.42
C GLN A 431 16.48 17.13 -21.04
N ASP A 432 16.42 15.97 -20.37
CA ASP A 432 17.03 14.75 -20.88
C ASP A 432 16.33 14.28 -22.15
N GLN A 433 15.02 14.47 -22.21
CA GLN A 433 14.22 14.14 -23.39
C GLN A 433 14.67 14.96 -24.59
N ASN A 434 15.00 16.23 -24.34
CA ASN A 434 15.45 17.14 -25.39
C ASN A 434 16.98 17.18 -25.53
N SER A 435 17.62 16.02 -25.33
CA SER A 435 19.07 15.91 -25.43
C SER A 435 19.49 14.87 -26.47
N THR A 436 20.68 15.08 -27.04
CA THR A 436 21.26 14.15 -28.00
C THR A 436 21.64 12.82 -27.32
N VAL A 437 22.25 12.94 -26.14
CA VAL A 437 22.57 11.77 -25.33
C VAL A 437 21.56 11.69 -24.19
N LYS A 438 20.75 10.63 -24.20
CA LYS A 438 19.64 10.47 -23.26
C LYS A 438 19.96 9.45 -22.16
N LYS A 439 19.52 9.76 -20.94
CA LYS A 439 19.80 8.93 -19.77
C LYS A 439 18.53 8.32 -19.19
N TYR A 440 17.41 9.03 -19.33
CA TYR A 440 16.12 8.58 -18.81
C TYR A 440 15.12 8.30 -19.93
N ASN A 441 15.30 8.97 -21.06
CA ASN A 441 14.39 8.83 -22.20
C ASN A 441 14.92 7.88 -23.26
N LEU A 442 14.00 7.27 -24.00
CA LEU A 442 14.34 6.34 -25.08
C LEU A 442 14.82 7.08 -26.32
N TYR A 443 15.78 6.47 -27.02
CA TYR A 443 16.27 7.01 -28.29
C TYR A 443 15.31 6.69 -29.43
N ASN A 444 15.32 7.53 -30.46
CA ASN A 444 14.52 7.33 -31.67
C ASN A 444 13.03 7.08 -31.41
N ILE A 445 12.38 8.02 -30.72
CA ILE A 445 10.94 7.98 -30.51
C ILE A 445 10.17 8.21 -31.82
N PRO A 446 10.54 9.25 -32.61
CA PRO A 446 9.80 9.49 -33.87
C PRO A 446 10.01 8.37 -34.88
N ALA A 447 11.22 7.82 -34.92
CA ALA A 447 11.53 6.68 -35.79
C ALA A 447 10.71 5.44 -35.40
N SER A 448 10.57 5.21 -34.09
CA SER A 448 9.77 4.09 -33.57
C SER A 448 8.29 4.25 -33.94
N TYR A 449 7.77 5.46 -33.78
CA TYR A 449 6.37 5.75 -34.09
C TYR A 449 6.07 5.73 -35.59
N ALA A 450 7.07 6.09 -36.40
CA ALA A 450 6.95 6.05 -37.86
C ALA A 450 6.76 4.62 -38.37
N ILE A 451 7.35 3.65 -37.66
CA ILE A 451 7.16 2.23 -37.98
C ILE A 451 5.82 1.73 -37.42
N LEU A 452 5.53 2.11 -36.17
CA LEU A 452 4.34 1.68 -35.45
C LEU A 452 3.04 2.06 -36.17
N LEU A 453 2.95 3.34 -36.56
CA LEU A 453 1.73 3.86 -37.18
C LEU A 453 1.55 3.41 -38.63
N THR A 454 2.62 2.90 -39.24
CA THR A 454 2.57 2.39 -40.61
C THR A 454 2.50 0.86 -40.66
N ASN A 455 2.41 0.23 -39.49
CA ASN A 455 2.35 -1.24 -39.41
C ASN A 455 0.97 -1.82 -39.74
N LYS A 456 0.98 -2.91 -40.50
CA LYS A 456 -0.23 -3.61 -40.88
C LYS A 456 -0.54 -4.71 -39.87
N ASP A 457 -1.82 -5.11 -39.82
CA ASP A 457 -2.30 -6.20 -38.95
C ASP A 457 -2.16 -5.93 -37.45
N THR A 458 -2.21 -4.65 -37.07
CA THR A 458 -2.12 -4.22 -35.67
C THR A 458 -2.74 -2.84 -35.47
N ILE A 459 -3.39 -2.64 -34.33
CA ILE A 459 -3.84 -1.32 -33.88
C ILE A 459 -2.72 -0.66 -33.06
N PRO A 460 -2.29 0.55 -33.47
CA PRO A 460 -1.25 1.23 -32.70
C PRO A 460 -1.81 2.00 -31.50
N ARG A 461 -1.03 2.06 -30.43
CA ARG A 461 -1.41 2.84 -29.25
C ARG A 461 -0.38 3.93 -28.97
N VAL A 462 -0.81 5.18 -29.09
CA VAL A 462 0.04 6.34 -28.83
C VAL A 462 -0.05 6.69 -27.34
N TYR A 463 1.11 6.77 -26.70
CA TYR A 463 1.21 7.13 -25.28
C TYR A 463 1.15 8.64 -25.09
N TYR A 464 0.42 9.08 -24.07
CA TYR A 464 0.27 10.50 -23.72
C TYR A 464 1.62 11.21 -23.57
N GLY A 465 2.57 10.54 -22.92
CA GLY A 465 3.89 11.10 -22.64
C GLY A 465 4.77 11.35 -23.85
N ASP A 466 4.29 10.93 -25.03
CA ASP A 466 5.03 11.12 -26.28
C ASP A 466 4.47 12.29 -27.10
N LEU A 467 3.25 12.72 -26.77
CA LEU A 467 2.65 13.91 -27.38
C LEU A 467 2.74 15.10 -26.45
N TYR A 468 2.44 14.88 -25.18
CA TYR A 468 2.51 15.91 -24.15
C TYR A 468 3.49 15.48 -23.07
N THR A 469 4.04 16.43 -22.33
CA THR A 469 5.04 16.13 -21.29
C THR A 469 4.49 15.19 -20.22
N ASP A 470 5.33 14.26 -19.78
CA ASP A 470 4.97 13.31 -18.72
C ASP A 470 4.60 14.03 -17.43
N GLY A 471 5.28 15.14 -17.17
CA GLY A 471 4.94 16.01 -16.04
C GLY A 471 4.04 17.14 -16.48
N GLY A 472 3.93 18.16 -15.65
CA GLY A 472 3.07 19.30 -15.93
C GLY A 472 1.59 19.00 -15.72
N GLN A 473 0.74 20.01 -15.95
CA GLN A 473 -0.70 19.82 -15.95
C GLN A 473 -1.11 19.04 -17.19
N TYR A 474 -2.38 18.61 -17.23
CA TYR A 474 -2.88 17.84 -18.37
C TYR A 474 -2.89 18.68 -19.64
N MET A 475 -2.02 18.30 -20.58
CA MET A 475 -1.81 19.02 -21.84
C MET A 475 -1.31 20.46 -21.66
N GLU A 476 -0.59 20.70 -20.56
CA GLU A 476 0.03 22.00 -20.28
C GLU A 476 1.18 22.26 -21.27
N HIS A 477 2.01 21.24 -21.47
CA HIS A 477 3.16 21.35 -22.37
C HIS A 477 3.20 20.20 -23.35
N GLN A 478 3.72 20.48 -24.55
CA GLN A 478 3.89 19.47 -25.58
C GLN A 478 5.34 19.02 -25.64
N THR A 479 5.56 17.74 -25.96
CA THR A 479 6.91 17.19 -26.07
C THR A 479 7.62 17.64 -27.35
N ARG A 480 8.91 17.30 -27.44
CA ARG A 480 9.71 17.52 -28.64
C ARG A 480 9.11 16.76 -29.83
N TYR A 481 8.67 15.53 -29.57
CA TYR A 481 8.19 14.63 -30.62
C TYR A 481 6.73 14.89 -31.03
N TYR A 482 6.16 15.98 -30.53
CA TYR A 482 4.76 16.32 -30.81
C TYR A 482 4.49 16.54 -32.29
N ASP A 483 5.25 17.45 -32.92
CA ASP A 483 5.03 17.83 -34.30
C ASP A 483 5.16 16.67 -35.29
N THR A 484 6.10 15.76 -35.03
CA THR A 484 6.34 14.60 -35.89
C THR A 484 5.22 13.57 -35.75
N LEU A 485 4.87 13.24 -34.51
CA LEU A 485 3.83 12.24 -34.23
C LEU A 485 2.44 12.66 -34.71
N THR A 486 2.10 13.93 -34.52
CA THR A 486 0.83 14.48 -34.99
C THR A 486 0.75 14.45 -36.52
N ASN A 487 1.88 14.73 -37.17
CA ASN A 487 1.98 14.65 -38.63
C ASN A 487 1.85 13.21 -39.11
N LEU A 488 2.51 12.28 -38.41
CA LEU A 488 2.44 10.86 -38.74
C LEU A 488 1.03 10.28 -38.55
N LEU A 489 0.34 10.76 -37.51
CA LEU A 489 -1.03 10.34 -37.22
C LEU A 489 -2.03 10.82 -38.28
N LYS A 490 -1.84 12.05 -38.74
CA LYS A 490 -2.66 12.61 -39.82
C LYS A 490 -2.36 11.94 -41.16
N SER A 491 -1.10 11.57 -41.37
CA SER A 491 -0.67 10.87 -42.57
C SER A 491 -1.24 9.46 -42.63
N ARG A 492 -1.42 8.85 -41.45
CA ARG A 492 -2.00 7.51 -41.35
C ARG A 492 -3.44 7.49 -41.86
N VAL A 493 -4.19 8.55 -41.57
CA VAL A 493 -5.57 8.71 -41.99
C VAL A 493 -5.66 8.82 -43.52
N LYS A 494 -4.72 9.57 -44.11
CA LYS A 494 -4.72 9.84 -45.54
C LYS A 494 -4.10 8.74 -46.41
N TYR A 495 -2.97 8.18 -45.96
CA TYR A 495 -2.13 7.35 -46.83
C TYR A 495 -1.99 5.87 -46.45
N VAL A 496 -1.84 5.59 -45.15
CA VAL A 496 -1.53 4.23 -44.68
C VAL A 496 -2.69 3.26 -44.90
N ALA A 497 -2.50 2.35 -45.86
CA ALA A 497 -3.47 1.31 -46.21
C ALA A 497 -2.83 0.21 -47.08
N GLY A 498 -3.60 -0.84 -47.38
CA GLY A 498 -3.14 -1.92 -48.24
C GLY A 498 -2.11 -2.83 -47.62
N GLY A 499 -1.41 -3.60 -48.46
CA GLY A 499 -0.37 -4.51 -48.01
C GLY A 499 0.92 -3.82 -47.59
N GLN A 500 1.84 -4.58 -47.01
CA GLN A 500 3.10 -4.04 -46.52
C GLN A 500 4.32 -4.78 -47.08
N SER A 501 5.40 -4.04 -47.26
CA SER A 501 6.68 -4.58 -47.71
C SER A 501 7.80 -3.99 -46.86
N MET A 502 8.69 -4.86 -46.37
CA MET A 502 9.83 -4.41 -45.58
C MET A 502 11.15 -5.07 -46.01
N GLN A 503 12.23 -4.29 -45.95
CA GLN A 503 13.57 -4.76 -46.30
C GLN A 503 14.64 -4.18 -45.38
N THR A 504 15.73 -4.91 -45.20
CA THR A 504 16.86 -4.44 -44.38
C THR A 504 18.19 -4.53 -45.13
N MET A 505 19.07 -3.58 -44.86
CA MET A 505 20.41 -3.54 -45.44
C MET A 505 21.50 -3.72 -44.39
N SER A 506 22.60 -4.38 -44.77
CA SER A 506 23.76 -4.48 -43.90
C SER A 506 24.93 -3.71 -44.52
N VAL A 507 24.83 -2.37 -44.47
CA VAL A 507 25.85 -1.50 -45.04
C VAL A 507 26.69 -0.84 -43.94
N GLY A 508 26.02 -0.15 -43.02
CA GLY A 508 26.71 0.52 -41.91
C GLY A 508 27.18 -0.48 -40.87
N GLY A 509 26.24 -0.93 -40.04
CA GLY A 509 26.52 -1.95 -39.03
C GLY A 509 26.07 -3.32 -39.48
N ASN A 510 25.40 -4.04 -38.57
CA ASN A 510 24.90 -5.38 -38.86
C ASN A 510 23.38 -5.45 -38.77
N ASN A 511 22.75 -5.48 -39.95
CA ASN A 511 21.28 -5.53 -40.10
C ASN A 511 20.56 -4.25 -39.69
N ASN A 512 21.24 -3.11 -39.80
CA ASN A 512 20.63 -1.80 -39.58
C ASN A 512 19.80 -1.38 -40.80
N ILE A 513 19.53 -0.08 -40.93
CA ILE A 513 18.81 0.51 -42.08
C ILE A 513 17.64 -0.31 -42.68
N LEU A 514 16.43 0.15 -42.38
CA LEU A 514 15.19 -0.56 -42.72
C LEU A 514 14.31 0.22 -43.70
N THR A 515 13.67 -0.52 -44.61
CA THR A 515 12.70 0.04 -45.55
C THR A 515 11.30 -0.46 -45.19
N SER A 516 10.36 0.47 -45.03
CA SER A 516 8.97 0.12 -44.75
C SER A 516 8.03 0.76 -45.78
N VAL A 517 7.28 -0.08 -46.49
CA VAL A 517 6.44 0.38 -47.60
C VAL A 517 5.00 -0.12 -47.46
N ARG A 518 4.05 0.82 -47.60
CA ARG A 518 2.64 0.49 -47.74
C ARG A 518 2.18 0.85 -49.14
N TYR A 519 1.34 0.00 -49.73
CA TYR A 519 0.91 0.17 -51.12
C TYR A 519 -0.32 1.06 -51.26
N GLY A 520 -1.21 1.01 -50.28
CA GLY A 520 -2.45 1.79 -50.32
C GLY A 520 -3.67 0.94 -50.61
N LYS A 521 -4.84 1.49 -50.33
CA LYS A 521 -6.12 0.79 -50.53
C LYS A 521 -6.27 0.35 -51.98
N GLY A 522 -6.31 -0.97 -52.18
CA GLY A 522 -6.45 -1.54 -53.52
C GLY A 522 -5.34 -2.50 -53.92
N ALA A 523 -4.13 -2.24 -53.41
CA ALA A 523 -2.97 -3.08 -53.74
C ALA A 523 -2.44 -3.80 -52.50
N MET A 524 -2.22 -5.11 -52.64
CA MET A 524 -1.73 -5.94 -51.54
C MET A 524 -0.28 -6.39 -51.76
N THR A 525 0.00 -6.96 -52.93
CA THR A 525 1.36 -7.36 -53.29
C THR A 525 2.07 -6.27 -54.09
N ALA A 526 3.34 -6.50 -54.39
CA ALA A 526 4.15 -5.58 -55.19
C ALA A 526 3.68 -5.55 -56.64
N THR A 527 3.27 -6.72 -57.15
CA THR A 527 2.84 -6.87 -58.54
C THR A 527 1.42 -6.33 -58.78
N ASP A 528 0.71 -6.00 -57.70
CA ASP A 528 -0.63 -5.42 -57.79
C ASP A 528 -0.58 -4.01 -58.36
N THR A 529 -1.39 -3.76 -59.38
CA THR A 529 -1.47 -2.45 -60.02
C THR A 529 -2.41 -1.50 -59.27
N GLY A 530 -3.30 -2.07 -58.47
CA GLY A 530 -4.19 -1.30 -57.61
C GLY A 530 -5.42 -0.75 -58.32
N THR A 531 -6.35 -0.21 -57.54
CA THR A 531 -7.59 0.34 -58.06
C THR A 531 -7.43 1.82 -58.44
N ASP A 532 -8.50 2.60 -58.26
CA ASP A 532 -8.51 4.02 -58.60
C ASP A 532 -7.82 4.85 -57.51
N GLU A 533 -8.11 4.53 -56.26
CA GLU A 533 -7.66 5.29 -55.10
C GLU A 533 -6.18 5.09 -54.79
N THR A 534 -5.62 3.99 -55.28
CA THR A 534 -4.27 3.54 -54.92
C THR A 534 -3.14 4.51 -55.32
N ARG A 535 -3.33 5.20 -56.45
CA ARG A 535 -2.26 6.01 -57.06
C ARG A 535 -1.74 7.15 -56.19
N THR A 536 -2.57 7.62 -55.25
CA THR A 536 -2.16 8.70 -54.33
C THR A 536 -1.99 8.19 -52.89
N GLN A 537 -2.33 6.93 -52.66
CA GLN A 537 -2.22 6.32 -51.34
C GLN A 537 -0.90 5.59 -51.14
N GLY A 538 -0.70 5.06 -49.93
CA GLY A 538 0.53 4.33 -49.60
C GLY A 538 1.57 5.25 -48.96
N ILE A 539 2.61 4.64 -48.39
CA ILE A 539 3.66 5.39 -47.70
C ILE A 539 5.02 4.68 -47.79
N GLY A 540 6.09 5.45 -47.67
CA GLY A 540 7.45 4.91 -47.68
C GLY A 540 8.28 5.45 -46.52
N VAL A 541 8.83 4.53 -45.72
CA VAL A 541 9.60 4.90 -44.53
C VAL A 541 11.01 4.32 -44.57
N VAL A 542 12.00 5.19 -44.35
CA VAL A 542 13.40 4.78 -44.22
C VAL A 542 13.88 5.07 -42.81
N VAL A 543 14.35 4.04 -42.12
CA VAL A 543 14.84 4.16 -40.75
C VAL A 543 16.14 3.37 -40.57
N SER A 544 17.16 4.01 -40.00
CA SER A 544 18.38 3.32 -39.56
C SER A 544 18.65 3.60 -38.09
N ASN A 545 19.31 2.65 -37.42
CA ASN A 545 19.57 2.76 -35.98
C ASN A 545 21.00 3.17 -35.62
N THR A 546 21.87 3.24 -36.62
CA THR A 546 23.27 3.62 -36.42
C THR A 546 23.53 5.09 -36.76
N PRO A 547 24.05 5.85 -35.79
CA PRO A 547 24.43 7.25 -36.01
C PRO A 547 25.75 7.35 -36.78
N ASN A 548 26.42 6.22 -36.93
CA ASN A 548 27.71 6.14 -37.63
C ASN A 548 27.54 5.89 -39.13
N LEU A 549 26.28 5.72 -39.57
CA LEU A 549 25.96 5.32 -40.94
C LEU A 549 26.54 6.24 -42.00
N LYS A 550 27.47 5.69 -42.77
CA LYS A 550 28.06 6.37 -43.92
C LYS A 550 27.95 5.45 -45.13
N LEU A 551 26.93 5.69 -45.96
CA LEU A 551 26.70 4.91 -47.17
C LEU A 551 27.85 5.04 -48.15
N GLY A 552 28.14 3.95 -48.87
CA GLY A 552 29.16 3.94 -49.90
C GLY A 552 28.77 4.80 -51.09
N ALA A 553 29.77 5.20 -51.88
CA ALA A 553 29.55 6.04 -53.06
C ALA A 553 28.70 5.35 -54.12
N ASN A 554 28.60 4.02 -54.01
CA ASN A 554 27.83 3.22 -54.95
C ASN A 554 26.55 2.61 -54.35
N ASP A 555 26.49 2.57 -53.01
CA ASP A 555 25.33 2.03 -52.29
C ASP A 555 24.09 2.91 -52.43
N LYS A 556 22.93 2.27 -52.61
CA LYS A 556 21.66 2.99 -52.74
C LYS A 556 20.53 2.35 -51.94
N VAL A 557 19.74 3.18 -51.27
CA VAL A 557 18.58 2.75 -50.49
C VAL A 557 17.32 2.90 -51.33
N VAL A 558 16.61 1.79 -51.51
CA VAL A 558 15.46 1.75 -52.42
C VAL A 558 14.13 1.54 -51.70
N LEU A 559 13.17 2.43 -51.96
CA LEU A 559 11.81 2.28 -51.46
C LEU A 559 10.93 1.68 -52.56
N HIS A 560 10.69 0.38 -52.47
CA HIS A 560 9.93 -0.35 -53.49
C HIS A 560 8.45 -0.10 -53.34
N MET A 561 7.95 0.92 -54.03
CA MET A 561 6.55 1.34 -53.91
C MET A 561 5.57 0.44 -54.67
N GLY A 562 6.10 -0.48 -55.47
CA GLY A 562 5.28 -1.46 -56.18
C GLY A 562 4.83 -1.03 -57.56
N ALA A 563 4.16 -1.95 -58.27
CA ALA A 563 3.66 -1.70 -59.62
C ALA A 563 2.48 -0.73 -59.65
N ALA A 564 1.93 -0.45 -58.47
CA ALA A 564 0.82 0.49 -58.33
C ALA A 564 1.29 1.94 -58.50
N HIS A 565 2.53 2.21 -58.15
CA HIS A 565 3.08 3.57 -58.21
C HIS A 565 4.24 3.69 -59.16
N LYS A 566 3.97 3.45 -60.44
CA LYS A 566 4.97 3.60 -61.49
C LYS A 566 5.07 5.06 -61.91
N ASN A 567 6.30 5.58 -61.90
CA ASN A 567 6.60 6.95 -62.34
C ASN A 567 5.77 8.06 -61.67
N GLN A 568 5.48 7.86 -60.38
CA GLN A 568 4.74 8.85 -59.58
C GLN A 568 5.69 9.84 -58.93
N GLN A 569 5.16 10.97 -58.49
CA GLN A 569 5.92 11.94 -57.72
C GLN A 569 5.60 11.80 -56.23
N TYR A 570 6.66 11.79 -55.41
CA TYR A 570 6.54 11.64 -53.97
C TYR A 570 7.11 12.87 -53.25
N ARG A 571 6.32 13.44 -52.35
CA ARG A 571 6.78 14.54 -51.50
C ARG A 571 7.27 14.03 -50.15
N ALA A 572 8.12 14.82 -49.50
CA ALA A 572 8.63 14.48 -48.18
C ALA A 572 7.62 14.85 -47.10
N ALA A 573 7.51 14.00 -46.08
CA ALA A 573 6.64 14.25 -44.94
C ALA A 573 7.47 14.47 -43.68
N VAL A 574 8.44 13.59 -43.45
CA VAL A 574 9.37 13.70 -42.33
C VAL A 574 10.80 13.51 -42.83
N LEU A 575 11.68 14.46 -42.52
CA LEU A 575 13.09 14.39 -42.89
C LEU A 575 13.99 14.69 -41.70
N THR A 576 15.16 14.04 -41.65
CA THR A 576 16.11 14.23 -40.57
C THR A 576 17.18 15.26 -40.94
N THR A 577 17.35 16.27 -40.09
CA THR A 577 18.38 17.29 -40.27
C THR A 577 19.49 17.11 -39.24
N THR A 578 20.50 17.97 -39.30
CA THR A 578 21.64 17.90 -38.39
C THR A 578 21.28 18.32 -36.96
N ASP A 579 20.20 19.10 -36.84
CA ASP A 579 19.75 19.59 -35.53
C ASP A 579 18.52 18.87 -34.98
N GLY A 580 17.65 18.40 -35.88
CA GLY A 580 16.43 17.70 -35.49
C GLY A 580 15.71 17.06 -36.67
N VAL A 581 14.43 17.37 -36.81
CA VAL A 581 13.61 16.88 -37.93
C VAL A 581 12.72 17.98 -38.52
N ILE A 582 12.46 17.89 -39.83
CA ILE A 582 11.53 18.79 -40.50
C ILE A 582 10.28 18.02 -40.93
N ASN A 583 9.12 18.61 -40.68
CA ASN A 583 7.83 18.03 -41.04
C ASN A 583 7.10 18.78 -42.15
N TYR A 584 6.30 18.06 -42.92
CA TYR A 584 5.43 18.65 -43.93
C TYR A 584 4.04 18.01 -43.85
N THR A 585 3.04 18.82 -43.54
CA THR A 585 1.66 18.34 -43.41
C THR A 585 0.91 18.37 -44.75
N SER A 586 1.20 19.38 -45.57
CA SER A 586 0.58 19.51 -46.89
C SER A 586 1.57 19.17 -48.00
N ASP A 587 1.10 19.27 -49.25
CA ASP A 587 1.93 18.97 -50.42
C ASP A 587 2.94 20.08 -50.74
N GLN A 588 2.51 21.33 -50.58
CA GLN A 588 3.35 22.48 -50.92
C GLN A 588 4.46 22.74 -49.91
N GLY A 589 5.65 23.05 -50.43
CA GLY A 589 6.82 23.33 -49.61
C GLY A 589 7.74 22.12 -49.44
N ALA A 590 7.24 20.94 -49.77
CA ALA A 590 7.97 19.69 -49.57
C ALA A 590 8.85 19.31 -50.77
N PRO A 591 10.06 18.78 -50.49
CA PRO A 591 10.95 18.25 -51.52
C PRO A 591 10.35 17.05 -52.24
N VAL A 592 10.58 16.93 -53.54
CA VAL A 592 9.94 15.90 -54.36
C VAL A 592 10.91 14.86 -54.92
N ALA A 593 10.42 13.62 -55.00
CA ALA A 593 11.18 12.49 -55.55
C ALA A 593 10.32 11.71 -56.54
N MET A 594 10.96 11.09 -57.53
CA MET A 594 10.25 10.34 -58.57
C MET A 594 10.60 8.85 -58.58
N THR A 595 9.60 8.02 -58.88
CA THR A 595 9.80 6.58 -59.05
C THR A 595 10.10 6.25 -60.52
N ASP A 596 10.63 5.05 -60.75
CA ASP A 596 10.95 4.60 -62.10
C ASP A 596 9.83 3.74 -62.71
N GLU A 597 10.18 2.93 -63.72
CA GLU A 597 9.22 2.04 -64.39
C GLU A 597 8.73 0.94 -63.46
N ASN A 598 9.61 0.47 -62.56
CA ASN A 598 9.26 -0.54 -61.57
C ASN A 598 8.52 0.05 -60.37
N GLY A 599 8.64 1.36 -60.19
CA GLY A 599 8.01 2.05 -59.08
C GLY A 599 8.90 2.03 -57.84
N ASP A 600 10.15 2.47 -58.02
CA ASP A 600 11.13 2.46 -56.95
C ASP A 600 11.66 3.87 -56.68
N LEU A 601 11.63 4.27 -55.41
CA LEU A 601 12.13 5.58 -55.01
C LEU A 601 13.58 5.46 -54.57
N TYR A 602 14.49 5.92 -55.42
CA TYR A 602 15.93 5.80 -55.17
C TYR A 602 16.48 6.89 -54.26
N LEU A 603 17.10 6.47 -53.17
CA LEU A 603 17.83 7.36 -52.27
C LEU A 603 19.24 6.84 -52.08
N SER A 604 20.20 7.75 -51.86
CA SER A 604 21.61 7.38 -51.75
C SER A 604 22.38 8.28 -50.80
N SER A 605 23.70 8.08 -50.75
CA SER A 605 24.59 8.90 -49.92
C SER A 605 24.60 10.36 -50.37
N HIS A 606 24.39 10.59 -51.67
CA HIS A 606 24.29 11.94 -52.22
C HIS A 606 22.88 12.45 -52.13
N ASN A 607 22.74 13.78 -52.17
CA ASN A 607 21.42 14.43 -52.13
C ASN A 607 20.59 14.18 -53.38
N LEU A 608 19.28 14.38 -53.24
CA LEU A 608 18.33 14.26 -54.34
C LEU A 608 18.42 15.50 -55.23
N VAL A 609 18.01 15.37 -56.48
CA VAL A 609 18.09 16.49 -57.43
C VAL A 609 16.87 16.59 -58.37
N VAL A 610 16.23 17.75 -58.36
CA VAL A 610 15.16 18.06 -59.31
C VAL A 610 15.56 19.29 -60.14
N ASN A 611 15.52 19.13 -61.47
CA ASN A 611 16.00 20.13 -62.43
C ASN A 611 17.09 21.09 -61.92
N GLY A 612 18.16 20.51 -61.39
CA GLY A 612 19.32 21.27 -60.90
C GLY A 612 19.07 21.96 -59.56
N LYS A 613 18.63 21.20 -58.57
CA LYS A 613 18.42 21.71 -57.21
C LYS A 613 18.93 20.75 -56.15
N GLU A 614 19.35 21.30 -55.01
CA GLU A 614 19.94 20.51 -53.92
C GLU A 614 18.95 19.63 -53.16
N GLU A 615 17.68 20.06 -53.12
CA GLU A 615 16.61 19.33 -52.44
C GLU A 615 16.86 19.14 -50.93
N ALA A 616 16.93 20.26 -50.21
CA ALA A 616 17.05 20.28 -48.75
C ALA A 616 17.93 19.16 -48.16
N ASP A 617 17.39 18.43 -47.19
CA ASP A 617 18.07 17.29 -46.58
C ASP A 617 17.37 16.00 -47.04
N THR A 618 17.90 15.38 -48.08
CA THR A 618 17.27 14.20 -48.67
C THR A 618 18.19 12.97 -48.71
N ALA A 619 19.48 13.19 -48.48
CA ALA A 619 20.46 12.12 -48.47
C ALA A 619 20.36 11.26 -47.20
N VAL A 620 20.45 9.94 -47.37
CA VAL A 620 20.41 9.01 -46.25
C VAL A 620 21.80 8.90 -45.63
N GLN A 621 21.90 9.33 -44.37
CA GLN A 621 23.16 9.28 -43.61
C GLN A 621 22.90 9.23 -42.11
N GLY A 622 23.92 8.83 -41.35
CA GLY A 622 23.81 8.74 -39.89
C GLY A 622 23.82 10.09 -39.21
N TYR A 623 22.79 10.33 -38.41
CA TYR A 623 22.68 11.57 -37.63
C TYR A 623 22.72 11.30 -36.14
N ALA A 624 23.01 12.34 -35.36
CA ALA A 624 23.00 12.28 -33.91
C ALA A 624 22.48 13.59 -33.32
N ASN A 625 21.17 13.62 -33.06
CA ASN A 625 20.51 14.79 -32.47
C ASN A 625 19.40 14.38 -31.50
N PRO A 626 18.84 15.35 -30.74
CA PRO A 626 17.80 15.03 -29.76
C PRO A 626 16.55 14.33 -30.32
N ASP A 627 16.36 14.42 -31.64
CA ASP A 627 15.22 13.78 -32.30
C ASP A 627 15.56 12.39 -32.84
N VAL A 628 16.70 12.27 -33.51
CA VAL A 628 17.07 11.05 -34.22
C VAL A 628 18.52 10.64 -33.93
N SER A 629 18.71 9.39 -33.51
CA SER A 629 20.05 8.80 -33.37
C SER A 629 20.21 7.68 -34.41
N GLY A 630 20.25 8.09 -35.67
CA GLY A 630 20.33 7.18 -36.81
C GLY A 630 19.89 7.91 -38.05
N TYR A 631 18.73 7.52 -38.59
CA TYR A 631 18.10 8.24 -39.70
C TYR A 631 16.60 7.96 -39.76
N LEU A 632 15.85 8.97 -40.20
CA LEU A 632 14.41 8.85 -40.41
C LEU A 632 13.97 9.61 -41.66
N ALA A 633 13.16 8.97 -42.49
CA ALA A 633 12.57 9.60 -43.66
C ALA A 633 11.19 9.02 -43.95
N VAL A 634 10.21 9.90 -44.16
CA VAL A 634 8.85 9.48 -44.51
C VAL A 634 8.44 10.14 -45.83
N TRP A 635 8.14 9.30 -46.83
CA TRP A 635 7.78 9.76 -48.16
C TRP A 635 6.34 9.48 -48.50
N VAL A 636 5.70 10.45 -49.15
CA VAL A 636 4.26 10.45 -49.37
C VAL A 636 3.93 10.84 -50.82
N PRO A 637 2.98 10.14 -51.47
CA PRO A 637 2.58 10.47 -52.84
C PRO A 637 1.85 11.82 -52.93
N VAL A 638 2.18 12.60 -53.96
CA VAL A 638 1.58 13.91 -54.17
C VAL A 638 0.19 13.81 -54.82
N GLY A 639 -0.54 14.92 -54.81
CA GLY A 639 -1.85 14.98 -55.44
C GLY A 639 -2.97 14.33 -54.64
N ALA A 640 -2.79 14.30 -53.33
CA ALA A 640 -3.81 13.75 -52.42
C ALA A 640 -4.87 14.80 -52.11
N SER A 641 -6.12 14.35 -51.98
CA SER A 641 -7.23 15.22 -51.61
C SER A 641 -7.09 15.72 -50.18
N ASP A 642 -7.62 16.91 -49.91
CA ASP A 642 -7.62 17.49 -48.57
C ASP A 642 -8.42 16.62 -47.60
N ASN A 643 -9.46 15.98 -48.12
CA ASN A 643 -10.34 15.12 -47.33
C ASN A 643 -10.14 13.62 -47.61
N GLN A 644 -8.94 13.24 -48.03
CA GLN A 644 -8.64 11.84 -48.34
C GLN A 644 -8.59 10.97 -47.08
N ASP A 645 -9.23 9.80 -47.16
CA ASP A 645 -9.30 8.87 -46.04
C ASP A 645 -9.03 7.43 -46.50
N ALA A 646 -7.85 6.93 -46.12
CA ALA A 646 -7.41 5.59 -46.51
C ALA A 646 -8.09 4.47 -45.72
N ARG A 647 -8.69 4.83 -44.59
CA ARG A 647 -9.35 3.88 -43.70
C ARG A 647 -10.51 3.16 -44.37
N THR A 648 -10.64 1.86 -44.09
CA THR A 648 -11.71 1.04 -44.64
C THR A 648 -12.79 0.78 -43.60
N ALA A 649 -14.05 0.77 -44.05
CA ALA A 649 -15.20 0.58 -43.16
C ALA A 649 -15.33 -0.87 -42.70
N PRO A 650 -15.75 -1.08 -41.43
CA PRO A 650 -15.98 -2.42 -40.91
C PRO A 650 -17.22 -3.09 -41.50
N SER A 651 -17.14 -4.39 -41.71
CA SER A 651 -18.23 -5.16 -42.33
C SER A 651 -19.37 -5.43 -41.35
N THR A 652 -20.60 -5.34 -41.85
CA THR A 652 -21.79 -5.64 -41.04
C THR A 652 -22.20 -7.11 -41.15
N GLU A 653 -21.39 -7.89 -41.86
CA GLU A 653 -21.62 -9.32 -42.06
C GLU A 653 -21.35 -10.09 -40.78
N LYS A 654 -22.12 -11.16 -40.57
CA LYS A 654 -21.91 -12.06 -39.43
C LYS A 654 -20.66 -12.90 -39.66
N ASN A 655 -19.79 -12.95 -38.65
CA ASN A 655 -18.54 -13.69 -38.73
C ASN A 655 -18.73 -15.18 -38.47
N SER A 656 -18.27 -16.01 -39.41
CA SER A 656 -18.39 -17.46 -39.31
C SER A 656 -17.39 -18.07 -38.33
N GLY A 657 -16.25 -17.39 -38.16
CA GLY A 657 -15.22 -17.82 -37.23
C GLY A 657 -15.61 -17.62 -35.78
N ASN A 658 -14.88 -18.27 -34.87
CA ASN A 658 -15.15 -18.18 -33.44
C ASN A 658 -14.21 -17.22 -32.73
N SER A 659 -14.24 -15.95 -33.17
CA SER A 659 -13.41 -14.90 -32.60
C SER A 659 -14.17 -13.57 -32.58
N ALA A 660 -13.93 -12.78 -31.54
CA ALA A 660 -14.63 -11.50 -31.37
C ALA A 660 -14.16 -10.44 -32.37
N TYR A 661 -12.85 -10.40 -32.61
CA TYR A 661 -12.27 -9.43 -33.55
C TYR A 661 -11.57 -10.14 -34.71
N ARG A 662 -11.78 -9.60 -35.92
CA ARG A 662 -11.04 -10.04 -37.10
C ARG A 662 -9.92 -9.04 -37.38
N THR A 663 -8.80 -9.55 -37.89
CA THR A 663 -7.60 -8.72 -38.11
C THR A 663 -7.48 -8.19 -39.55
N ASN A 664 -8.58 -7.65 -40.07
CA ASN A 664 -8.64 -7.10 -41.42
C ASN A 664 -8.12 -5.66 -41.51
N ALA A 665 -8.29 -5.04 -42.67
CA ALA A 665 -7.86 -3.66 -42.89
C ALA A 665 -8.75 -2.66 -42.14
N ALA A 666 -10.00 -3.04 -41.92
CA ALA A 666 -10.95 -2.23 -41.16
C ALA A 666 -10.60 -2.22 -39.67
N PHE A 667 -9.98 -3.31 -39.21
CA PHE A 667 -9.42 -3.41 -37.87
C PHE A 667 -8.22 -2.46 -37.74
N ASP A 668 -7.44 -2.38 -38.80
CA ASP A 668 -6.25 -1.52 -38.86
C ASP A 668 -6.57 -0.02 -38.91
N SER A 669 -7.84 0.30 -39.19
CA SER A 669 -8.29 1.69 -39.27
C SER A 669 -8.35 2.37 -37.90
N ASN A 670 -8.30 1.58 -36.83
CA ASN A 670 -8.39 2.08 -35.47
C ASN A 670 -7.05 2.44 -34.85
N VAL A 671 -7.06 3.48 -34.02
CA VAL A 671 -5.88 3.92 -33.26
C VAL A 671 -6.31 4.23 -31.82
N ILE A 672 -5.64 3.61 -30.85
CA ILE A 672 -5.94 3.83 -29.43
C ILE A 672 -5.04 4.91 -28.84
N PHE A 673 -5.63 5.80 -28.04
CA PHE A 673 -4.86 6.82 -27.34
C PHE A 673 -4.90 6.61 -25.83
N GLU A 674 -3.75 6.24 -25.27
CA GLU A 674 -3.58 6.11 -23.83
C GLU A 674 -3.48 7.51 -23.21
N ALA A 675 -4.62 8.04 -22.77
CA ALA A 675 -4.77 9.46 -22.48
C ALA A 675 -4.37 9.88 -21.06
N PHE A 676 -3.22 9.40 -20.60
CA PHE A 676 -2.68 9.80 -19.30
C PHE A 676 -1.24 9.33 -19.08
N SER A 677 -0.52 10.08 -18.25
CA SER A 677 0.73 9.60 -17.67
C SER A 677 0.55 9.55 -16.16
N ASN A 678 1.38 8.75 -15.50
CA ASN A 678 1.30 8.60 -14.05
C ASN A 678 1.68 9.87 -13.29
N PHE A 679 2.36 10.80 -13.97
CA PHE A 679 2.91 11.99 -13.35
C PHE A 679 2.27 13.31 -13.79
N VAL A 680 0.98 13.26 -14.12
CA VAL A 680 0.21 14.47 -14.41
C VAL A 680 -0.03 15.23 -13.10
N TYR A 681 0.10 16.55 -13.13
CA TYR A 681 -0.06 17.37 -11.94
C TYR A 681 -1.52 17.53 -11.55
N THR A 682 -1.78 17.53 -10.24
CA THR A 682 -3.12 17.75 -9.69
C THR A 682 -3.50 19.22 -9.86
N PRO A 683 -4.60 19.48 -10.59
CA PRO A 683 -5.02 20.84 -10.95
C PRO A 683 -5.35 21.73 -9.75
N THR A 684 -5.04 23.01 -9.87
CA THR A 684 -5.39 24.02 -8.86
C THR A 684 -6.61 24.82 -9.29
N LYS A 685 -6.69 25.12 -10.59
CA LYS A 685 -7.85 25.78 -11.18
C LYS A 685 -8.85 24.75 -11.70
N GLU A 686 -10.10 25.16 -11.85
CA GLU A 686 -11.14 24.30 -12.38
C GLU A 686 -10.92 24.02 -13.87
N SER A 687 -10.34 24.99 -14.57
CA SER A 687 -10.04 24.89 -15.99
C SER A 687 -8.84 23.97 -16.27
N GLU A 688 -8.05 23.68 -15.24
CA GLU A 688 -6.85 22.86 -15.37
C GLU A 688 -7.12 21.37 -15.20
N ARG A 689 -8.39 21.00 -15.06
CA ARG A 689 -8.79 19.61 -14.91
C ARG A 689 -8.70 18.85 -16.23
N ALA A 690 -8.28 17.59 -16.16
CA ALA A 690 -8.05 16.75 -17.34
C ALA A 690 -9.31 16.53 -18.17
N ASN A 691 -10.39 16.13 -17.50
CA ASN A 691 -11.65 15.80 -18.17
C ASN A 691 -12.37 16.99 -18.78
N VAL A 692 -12.10 18.19 -18.25
CA VAL A 692 -12.64 19.43 -18.81
C VAL A 692 -11.95 19.74 -20.14
N ARG A 693 -10.64 19.49 -20.20
CA ARG A 693 -9.84 19.74 -21.40
C ARG A 693 -10.06 18.68 -22.48
N ILE A 694 -10.31 17.44 -22.05
CA ILE A 694 -10.65 16.35 -22.98
C ILE A 694 -11.96 16.67 -23.71
N ALA A 695 -12.91 17.24 -22.97
CA ALA A 695 -14.19 17.66 -23.53
C ALA A 695 -14.03 18.83 -24.51
N GLN A 696 -13.08 19.72 -24.22
CA GLN A 696 -12.80 20.87 -25.08
C GLN A 696 -12.08 20.47 -26.36
N ASN A 697 -11.14 19.53 -26.24
CA ASN A 697 -10.33 19.08 -27.37
C ASN A 697 -10.83 17.76 -27.97
N ALA A 698 -12.10 17.46 -27.77
CA ALA A 698 -12.72 16.22 -28.23
C ALA A 698 -12.60 16.01 -29.74
N ASP A 699 -12.84 17.08 -30.50
CA ASP A 699 -12.74 17.03 -31.96
C ASP A 699 -11.30 16.91 -32.44
N PHE A 700 -10.36 17.44 -31.65
CA PHE A 700 -8.94 17.37 -31.97
C PHE A 700 -8.39 15.95 -31.93
N PHE A 701 -8.90 15.15 -31.01
CA PHE A 701 -8.52 13.74 -30.89
C PHE A 701 -8.99 12.92 -32.09
N ALA A 702 -10.09 13.36 -32.70
CA ALA A 702 -10.58 12.76 -33.93
C ALA A 702 -9.73 13.17 -35.13
N SER A 703 -9.19 14.40 -35.07
CA SER A 703 -8.34 14.96 -36.13
C SER A 703 -7.05 14.16 -36.33
N LEU A 704 -6.54 13.60 -35.24
CA LEU A 704 -5.33 12.78 -35.27
C LEU A 704 -5.63 11.36 -35.72
N GLY A 705 -6.91 10.97 -35.68
CA GLY A 705 -7.33 9.66 -36.16
C GLY A 705 -7.57 8.65 -35.06
N PHE A 706 -7.62 9.11 -33.81
CA PHE A 706 -7.93 8.26 -32.67
C PHE A 706 -9.41 7.88 -32.68
N THR A 707 -9.68 6.58 -32.62
CA THR A 707 -11.04 6.06 -32.58
C THR A 707 -11.38 5.54 -31.19
N SER A 708 -10.45 4.80 -30.59
CA SER A 708 -10.63 4.31 -29.23
C SER A 708 -9.84 5.19 -28.26
N PHE A 709 -10.55 5.77 -27.29
CA PHE A 709 -9.95 6.70 -26.34
C PHE A 709 -9.80 6.04 -24.97
N GLU A 710 -8.58 5.57 -24.67
CA GLU A 710 -8.31 4.93 -23.39
C GLU A 710 -8.11 5.98 -22.29
N MET A 711 -9.08 6.03 -21.38
CA MET A 711 -9.02 6.96 -20.26
C MET A 711 -8.24 6.41 -19.07
N ALA A 712 -7.87 7.32 -18.17
CA ALA A 712 -7.24 6.97 -16.91
C ALA A 712 -8.27 6.37 -15.96
N PRO A 713 -7.83 5.48 -15.05
CA PRO A 713 -8.73 4.98 -14.01
C PRO A 713 -9.28 6.13 -13.17
N GLN A 714 -10.59 6.33 -13.22
CA GLN A 714 -11.24 7.51 -12.65
C GLN A 714 -11.56 7.37 -11.15
N TYR A 715 -11.11 6.26 -10.55
CA TYR A 715 -11.40 5.95 -9.15
C TYR A 715 -10.60 6.85 -8.21
N ASN A 716 -11.24 7.27 -7.12
CA ASN A 716 -10.61 8.13 -6.13
C ASN A 716 -9.47 7.44 -5.39
N SER A 717 -8.34 8.13 -5.33
CA SER A 717 -7.11 7.56 -4.75
C SER A 717 -7.16 7.47 -3.23
N SER A 718 -6.45 6.50 -2.69
CA SER A 718 -6.37 6.29 -1.25
C SER A 718 -5.45 7.29 -0.55
N LYS A 719 -4.48 7.82 -1.31
CA LYS A 719 -3.51 8.82 -0.83
C LYS A 719 -2.75 8.37 0.43
N ASP A 720 -2.42 7.08 0.49
CA ASP A 720 -1.76 6.50 1.67
C ASP A 720 -0.24 6.51 1.58
N ARG A 721 0.28 6.83 0.40
CA ARG A 721 1.73 6.86 0.12
C ARG A 721 2.46 5.52 0.37
N THR A 722 1.72 4.41 0.28
CA THR A 722 2.29 3.08 0.43
C THR A 722 2.91 2.60 -0.88
N PHE A 723 2.32 3.02 -2.00
CA PHE A 723 2.86 2.76 -3.33
C PHE A 723 2.73 4.02 -4.21
N LEU A 724 3.43 4.02 -5.34
CA LEU A 724 3.44 5.15 -6.27
C LEU A 724 2.05 5.54 -6.77
N ASP A 725 1.20 4.55 -7.01
CA ASP A 725 -0.16 4.78 -7.52
C ASP A 725 -1.03 5.61 -6.56
N SER A 726 -0.61 5.68 -5.31
CA SER A 726 -1.32 6.45 -4.28
C SER A 726 -0.61 7.76 -3.92
N THR A 727 0.53 8.01 -4.54
CA THR A 727 1.30 9.25 -4.28
C THR A 727 0.99 10.35 -5.30
N ILE A 728 0.96 10.00 -6.59
CA ILE A 728 0.57 10.95 -7.63
C ILE A 728 -0.90 10.77 -7.99
N ASP A 729 -1.51 9.71 -7.46
CA ASP A 729 -2.95 9.43 -7.61
C ASP A 729 -3.34 9.09 -9.06
N ASN A 730 -2.86 7.95 -9.54
CA ASN A 730 -3.17 7.47 -10.88
C ASN A 730 -4.65 7.09 -11.00
N GLY A 731 -5.14 6.36 -10.02
CA GLY A 731 -6.49 5.81 -10.04
C GLY A 731 -6.47 4.30 -9.89
N TYR A 732 -5.27 3.72 -9.84
CA TYR A 732 -5.09 2.29 -9.61
C TYR A 732 -5.07 1.97 -8.12
N ALA A 733 -4.87 3.01 -7.31
CA ALA A 733 -4.90 2.88 -5.86
C ALA A 733 -6.17 3.51 -5.29
N PHE A 734 -7.17 2.68 -5.03
CA PHE A 734 -8.48 3.16 -4.60
C PHE A 734 -9.04 2.43 -3.37
N THR A 735 -9.86 3.14 -2.60
CA THR A 735 -10.60 2.55 -1.49
C THR A 735 -12.00 2.16 -1.97
N ASP A 736 -12.67 3.10 -2.65
CA ASP A 736 -14.03 2.90 -3.14
C ASP A 736 -14.04 2.63 -4.65
N ARG A 737 -14.45 1.42 -5.01
CA ARG A 737 -14.47 0.96 -6.40
C ARG A 737 -15.49 1.68 -7.28
N TYR A 738 -16.58 2.14 -6.67
CA TYR A 738 -17.68 2.75 -7.41
C TYR A 738 -17.64 4.28 -7.36
N ASP A 739 -16.58 4.83 -6.77
CA ASP A 739 -16.41 6.27 -6.63
C ASP A 739 -15.61 6.83 -7.81
N LEU A 740 -16.27 7.57 -8.69
CA LEU A 740 -15.61 8.18 -9.84
C LEU A 740 -15.69 9.71 -9.76
N GLY A 741 -14.94 10.28 -8.82
CA GLY A 741 -14.95 11.72 -8.58
C GLY A 741 -16.31 12.20 -8.12
N MET A 742 -16.96 11.39 -7.28
CA MET A 742 -18.33 11.63 -6.84
C MET A 742 -18.38 12.22 -5.44
N SER A 743 -17.63 11.62 -4.51
CA SER A 743 -17.52 12.13 -3.15
C SER A 743 -16.63 13.38 -3.12
N GLU A 744 -15.48 13.28 -3.77
CA GLU A 744 -14.58 14.42 -3.95
C GLU A 744 -13.91 14.33 -5.33
N PRO A 745 -13.61 15.48 -5.95
CA PRO A 745 -13.01 15.48 -7.28
C PRO A 745 -11.64 14.79 -7.28
N ASN A 746 -11.46 13.86 -8.22
CA ASN A 746 -10.17 13.18 -8.37
C ASN A 746 -9.16 14.04 -9.14
N LYS A 747 -8.03 13.43 -9.52
CA LYS A 747 -6.95 14.13 -10.21
C LYS A 747 -7.35 14.63 -11.61
N TYR A 748 -8.44 14.08 -12.15
CA TYR A 748 -8.88 14.41 -13.50
C TYR A 748 -10.19 15.20 -13.53
N GLY A 749 -10.88 15.26 -12.39
CA GLY A 749 -12.10 16.06 -12.26
C GLY A 749 -13.23 15.35 -11.54
N THR A 750 -14.42 15.96 -11.58
CA THR A 750 -15.62 15.39 -10.95
C THR A 750 -16.29 14.36 -11.87
N ASP A 751 -17.35 13.74 -11.37
CA ASP A 751 -18.16 12.82 -12.17
C ASP A 751 -18.90 13.54 -13.31
N GLU A 752 -19.26 14.80 -13.05
CA GLU A 752 -19.87 15.66 -14.07
C GLU A 752 -18.87 16.01 -15.17
N ASP A 753 -17.63 16.30 -14.77
CA ASP A 753 -16.53 16.55 -15.71
C ASP A 753 -16.23 15.30 -16.54
N LEU A 754 -16.33 14.13 -15.90
CA LEU A 754 -16.13 12.84 -16.57
C LEU A 754 -17.23 12.58 -17.59
N ARG A 755 -18.49 12.78 -17.19
CA ARG A 755 -19.63 12.58 -18.07
C ARG A 755 -19.60 13.52 -19.27
N ASN A 756 -19.20 14.76 -19.04
CA ASN A 756 -19.03 15.75 -20.11
C ASN A 756 -17.94 15.32 -21.11
N ALA A 757 -16.86 14.76 -20.58
CA ALA A 757 -15.74 14.29 -21.40
C ALA A 757 -16.14 13.11 -22.27
N ILE A 758 -16.85 12.16 -21.68
CA ILE A 758 -17.31 10.96 -22.40
C ILE A 758 -18.33 11.33 -23.48
N GLN A 759 -19.25 12.23 -23.15
CA GLN A 759 -20.30 12.67 -24.09
C GLN A 759 -19.71 13.44 -25.27
N ALA A 760 -18.73 14.30 -24.99
CA ALA A 760 -18.06 15.10 -26.03
C ALA A 760 -17.26 14.22 -27.00
N LEU A 761 -16.72 13.12 -26.48
CA LEU A 761 -15.99 12.15 -27.30
C LEU A 761 -16.92 11.34 -28.19
N HIS A 762 -18.13 11.07 -27.69
CA HIS A 762 -19.16 10.37 -28.46
C HIS A 762 -19.68 11.21 -29.58
N LYS A 763 -19.81 12.52 -29.34
CA LYS A 763 -20.23 13.47 -30.37
C LYS A 763 -19.16 13.69 -31.42
N ALA A 764 -17.89 13.55 -31.01
CA ALA A 764 -16.76 13.61 -31.92
C ALA A 764 -16.56 12.30 -32.68
N GLY A 765 -17.30 11.27 -32.28
CA GLY A 765 -17.31 9.97 -32.95
C GLY A 765 -16.22 9.03 -32.48
N LEU A 766 -16.06 8.93 -31.16
CA LEU A 766 -15.02 8.08 -30.56
C LEU A 766 -15.58 7.08 -29.56
N GLN A 767 -14.81 6.02 -29.33
CA GLN A 767 -15.05 5.10 -28.22
C GLN A 767 -14.51 5.73 -26.93
N VAL A 768 -14.72 5.05 -25.81
CA VAL A 768 -14.12 5.44 -24.54
C VAL A 768 -13.91 4.21 -23.66
N MET A 769 -12.69 4.05 -23.16
CA MET A 769 -12.29 2.85 -22.45
C MET A 769 -12.25 3.05 -20.94
N ALA A 770 -12.85 2.12 -20.20
CA ALA A 770 -12.80 2.13 -18.74
C ALA A 770 -11.67 1.23 -18.27
N ASP A 771 -10.85 1.74 -17.36
CA ASP A 771 -9.73 0.99 -16.82
C ASP A 771 -10.22 0.05 -15.71
N TRP A 772 -10.50 -1.19 -16.08
CA TRP A 772 -11.04 -2.20 -15.17
C TRP A 772 -9.95 -2.77 -14.31
N VAL A 773 -10.01 -2.49 -13.01
CA VAL A 773 -8.97 -2.88 -12.06
C VAL A 773 -9.53 -3.82 -10.98
N PRO A 774 -9.59 -5.13 -11.28
CA PRO A 774 -10.20 -6.09 -10.36
C PRO A 774 -9.22 -6.78 -9.41
N ASP A 775 -7.99 -6.29 -9.34
CA ASP A 775 -6.93 -6.96 -8.59
C ASP A 775 -6.92 -6.64 -7.10
N GLN A 776 -6.98 -5.36 -6.75
CA GLN A 776 -6.78 -4.94 -5.36
C GLN A 776 -7.64 -3.76 -4.90
N ILE A 777 -7.69 -3.57 -3.58
CA ILE A 777 -8.30 -2.40 -2.95
C ILE A 777 -7.32 -1.86 -1.91
N TYR A 778 -6.95 -0.58 -2.07
CA TYR A 778 -6.01 0.08 -1.18
C TYR A 778 -6.69 0.66 0.06
N ASN A 779 -5.96 0.65 1.17
CA ASN A 779 -6.29 1.40 2.38
C ASN A 779 -7.75 1.31 2.86
N LEU A 780 -8.05 0.28 3.64
CA LEU A 780 -9.39 0.10 4.19
C LEU A 780 -9.44 0.48 5.67
N PRO A 781 -10.49 1.23 6.09
CA PRO A 781 -10.57 1.81 7.43
C PRO A 781 -10.68 0.81 8.59
N GLY A 782 -11.53 -0.21 8.44
CA GLY A 782 -11.80 -1.16 9.51
C GLY A 782 -10.73 -2.21 9.72
N LYS A 783 -10.57 -2.65 10.97
CA LYS A 783 -9.57 -3.64 11.35
C LYS A 783 -10.22 -5.01 11.57
N GLU A 784 -9.46 -6.07 11.33
CA GLU A 784 -9.95 -7.44 11.48
C GLU A 784 -8.79 -8.39 11.79
N VAL A 785 -9.04 -9.38 12.64
CA VAL A 785 -8.03 -10.39 12.97
C VAL A 785 -8.20 -11.61 12.07
N ALA A 786 -7.12 -11.96 11.35
CA ALA A 786 -7.11 -13.10 10.44
C ALA A 786 -5.85 -13.94 10.63
N THR A 787 -5.92 -15.22 10.29
CA THR A 787 -4.77 -16.11 10.35
C THR A 787 -3.98 -16.00 9.04
N VAL A 788 -2.71 -15.61 9.17
CA VAL A 788 -1.86 -15.30 8.00
C VAL A 788 -0.63 -16.21 7.90
N THR A 789 -0.01 -16.19 6.72
CA THR A 789 1.28 -16.86 6.49
C THR A 789 2.13 -16.00 5.57
N ARG A 790 3.35 -15.71 6.02
CA ARG A 790 4.30 -14.90 5.26
C ARG A 790 4.73 -15.62 3.98
N VAL A 791 4.47 -14.99 2.84
CA VAL A 791 4.70 -15.60 1.52
C VAL A 791 5.36 -14.66 0.51
N ASP A 792 5.79 -15.23 -0.62
CA ASP A 792 6.31 -14.44 -1.74
C ASP A 792 5.18 -14.01 -2.69
N ASP A 793 5.53 -13.36 -3.80
CA ASP A 793 4.55 -12.86 -4.76
C ASP A 793 3.68 -13.95 -5.40
N ARG A 794 4.27 -15.13 -5.60
CA ARG A 794 3.54 -16.27 -6.17
C ARG A 794 2.59 -16.92 -5.15
N GLY A 795 3.01 -16.93 -3.88
CA GLY A 795 2.18 -17.48 -2.80
C GLY A 795 2.83 -18.58 -1.98
N ASN A 796 4.09 -18.87 -2.29
CA ASN A 796 4.85 -19.90 -1.57
C ASN A 796 5.30 -19.42 -0.19
N VAL A 797 5.25 -20.31 0.78
CA VAL A 797 5.64 -20.01 2.17
C VAL A 797 7.10 -19.55 2.23
N TRP A 798 7.34 -18.45 2.95
CA TRP A 798 8.66 -17.82 3.03
C TRP A 798 9.72 -18.71 3.64
N LYS A 799 10.98 -18.45 3.28
CA LYS A 799 12.14 -19.23 3.70
C LYS A 799 12.07 -19.68 5.16
N ASP A 800 12.11 -18.71 6.09
CA ASP A 800 11.98 -18.98 7.51
C ASP A 800 10.93 -18.07 8.15
N ALA A 801 9.72 -18.14 7.60
CA ALA A 801 8.61 -17.30 8.03
C ALA A 801 8.32 -17.44 9.52
N ILE A 802 8.45 -16.33 10.24
CA ILE A 802 8.13 -16.31 11.67
C ILE A 802 6.67 -15.93 11.93
N ILE A 803 5.98 -15.48 10.89
CA ILE A 803 4.54 -15.25 10.95
C ILE A 803 3.83 -16.38 10.18
N ASN A 804 4.13 -17.61 10.56
CA ASN A 804 3.53 -18.79 9.96
C ASN A 804 2.34 -19.26 10.78
N ASN A 805 1.14 -19.14 10.20
CA ASN A 805 -0.12 -19.46 10.87
C ASN A 805 -0.36 -18.68 12.16
N ASN A 806 0.14 -17.45 12.20
CA ASN A 806 -0.06 -16.55 13.33
C ASN A 806 -1.25 -15.62 13.12
N LEU A 807 -1.83 -15.15 14.23
CA LEU A 807 -2.93 -14.19 14.15
C LEU A 807 -2.38 -12.79 13.89
N TYR A 808 -3.07 -12.04 13.03
CA TYR A 808 -2.60 -10.75 12.56
C TYR A 808 -3.77 -9.80 12.37
N VAL A 809 -3.56 -8.52 12.70
CA VAL A 809 -4.57 -7.49 12.49
C VAL A 809 -4.40 -6.89 11.09
N VAL A 810 -5.40 -7.12 10.23
CA VAL A 810 -5.37 -6.65 8.85
C VAL A 810 -6.48 -5.65 8.57
N ASN A 811 -6.23 -4.74 7.62
CA ASN A 811 -7.21 -3.74 7.24
C ASN A 811 -8.06 -4.20 6.05
N THR A 812 -9.11 -4.95 6.35
CA THR A 812 -9.97 -5.54 5.33
C THR A 812 -11.40 -5.00 5.33
N ILE A 813 -11.88 -4.57 6.51
CA ILE A 813 -13.24 -4.06 6.64
C ILE A 813 -13.36 -2.64 6.08
N GLY A 814 -14.35 -2.45 5.21
CA GLY A 814 -14.57 -1.16 4.56
C GLY A 814 -15.07 -1.32 3.14
N GLY A 815 -14.95 -0.25 2.36
CA GLY A 815 -15.40 -0.25 0.96
C GLY A 815 -15.82 1.10 0.45
N GLY A 816 -16.47 1.89 1.31
CA GLY A 816 -16.93 3.22 0.95
C GLY A 816 -18.44 3.31 0.79
N GLU A 817 -18.93 4.53 0.58
CA GLU A 817 -20.36 4.80 0.44
C GLU A 817 -20.95 4.16 -0.82
N TYR A 818 -20.26 4.36 -1.94
CA TYR A 818 -20.76 3.95 -3.25
C TYR A 818 -20.57 2.45 -3.51
N GLN A 819 -19.67 1.83 -2.75
CA GLN A 819 -19.53 0.38 -2.75
C GLN A 819 -20.73 -0.24 -2.03
N LYS A 820 -21.23 0.45 -1.00
CA LYS A 820 -22.40 0.00 -0.24
C LYS A 820 -23.69 0.27 -1.01
N LYS A 821 -23.66 1.26 -1.90
CA LYS A 821 -24.84 1.65 -2.67
C LYS A 821 -25.04 0.79 -3.92
N TYR A 822 -23.99 0.63 -4.71
CA TYR A 822 -24.09 -0.07 -6.00
C TYR A 822 -23.57 -1.51 -5.97
N GLY A 823 -23.09 -1.95 -4.81
CA GLY A 823 -22.52 -3.29 -4.66
C GLY A 823 -23.55 -4.39 -4.82
N GLY A 824 -23.49 -5.08 -5.96
CA GLY A 824 -24.43 -6.15 -6.28
C GLY A 824 -25.82 -5.67 -6.67
N ALA A 825 -25.95 -4.36 -6.85
CA ALA A 825 -27.25 -3.73 -7.12
C ALA A 825 -27.77 -3.97 -8.54
N PHE A 826 -26.91 -4.49 -9.41
CA PHE A 826 -27.28 -4.74 -10.81
C PHE A 826 -27.35 -6.22 -11.14
N LEU A 827 -26.96 -7.07 -10.18
CA LEU A 827 -26.99 -8.52 -10.35
C LEU A 827 -28.41 -9.07 -10.53
N ASP A 828 -29.38 -8.40 -9.90
CA ASP A 828 -30.78 -8.79 -10.00
C ASP A 828 -31.31 -8.57 -11.42
N LYS A 829 -30.91 -7.46 -12.03
CA LYS A 829 -31.31 -7.11 -13.40
C LYS A 829 -30.56 -7.97 -14.43
N LEU A 830 -29.29 -8.23 -14.17
CA LEU A 830 -28.43 -8.99 -15.08
C LEU A 830 -28.84 -10.47 -15.18
N GLN A 831 -29.31 -11.03 -14.07
CA GLN A 831 -29.77 -12.42 -14.04
C GLN A 831 -31.06 -12.59 -14.83
N LYS A 832 -31.93 -11.58 -14.78
CA LYS A 832 -33.19 -11.58 -15.51
C LYS A 832 -32.99 -11.33 -17.00
N LEU A 833 -32.02 -10.48 -17.34
CA LEU A 833 -31.71 -10.15 -18.73
C LEU A 833 -30.96 -11.28 -19.44
N TYR A 834 -29.86 -11.74 -18.84
CA TYR A 834 -29.03 -12.78 -19.43
C TYR A 834 -28.84 -13.93 -18.44
N PRO A 835 -29.72 -14.95 -18.49
CA PRO A 835 -29.64 -16.08 -17.55
C PRO A 835 -28.50 -17.04 -17.86
N GLU A 836 -27.98 -16.98 -19.09
CA GLU A 836 -26.94 -17.90 -19.55
C GLU A 836 -25.56 -17.66 -18.90
N ILE A 837 -25.33 -16.43 -18.44
CA ILE A 837 -24.08 -16.07 -17.77
C ILE A 837 -23.98 -16.74 -16.40
N PHE A 838 -25.09 -16.72 -15.66
CA PHE A 838 -25.12 -17.18 -14.26
C PHE A 838 -25.24 -18.70 -14.12
N THR A 839 -25.43 -19.40 -15.24
CA THR A 839 -25.53 -20.85 -15.25
C THR A 839 -24.22 -21.53 -15.66
N LYS A 840 -23.42 -20.83 -16.46
CA LYS A 840 -22.15 -21.36 -16.98
C LYS A 840 -21.14 -21.67 -15.87
N LYS A 841 -20.72 -22.93 -15.81
CA LYS A 841 -19.72 -23.39 -14.84
C LYS A 841 -18.35 -22.85 -15.21
N GLN A 842 -17.77 -22.06 -14.30
CA GLN A 842 -16.47 -21.43 -14.52
C GLN A 842 -15.33 -22.44 -14.37
N VAL A 843 -14.41 -22.42 -15.33
CA VAL A 843 -13.22 -23.27 -15.29
C VAL A 843 -12.21 -22.72 -14.27
N SER A 844 -11.69 -23.61 -13.43
CA SER A 844 -10.86 -23.26 -12.26
C SER A 844 -11.70 -23.34 -10.98
N THR A 845 -12.86 -22.69 -11.00
CA THR A 845 -13.80 -22.72 -9.88
C THR A 845 -14.51 -24.07 -9.85
N GLY A 846 -14.99 -24.51 -11.00
CA GLY A 846 -15.79 -25.74 -11.11
C GLY A 846 -17.28 -25.43 -11.13
N VAL A 847 -17.67 -24.40 -10.37
CA VAL A 847 -19.07 -23.98 -10.31
C VAL A 847 -19.27 -22.57 -10.88
N ALA A 848 -20.53 -22.23 -11.15
CA ALA A 848 -20.91 -20.94 -11.70
C ALA A 848 -20.78 -19.81 -10.69
N ILE A 849 -20.90 -18.58 -11.18
CA ILE A 849 -20.82 -17.38 -10.33
C ILE A 849 -22.01 -17.29 -9.37
N ASP A 850 -21.77 -16.71 -8.20
CA ASP A 850 -22.78 -16.66 -7.12
C ASP A 850 -23.28 -15.25 -6.84
N PRO A 851 -24.50 -14.91 -7.31
CA PRO A 851 -25.08 -13.59 -7.11
C PRO A 851 -25.94 -13.47 -5.85
N SER A 852 -26.09 -14.58 -5.11
CA SER A 852 -26.97 -14.63 -3.94
C SER A 852 -26.50 -13.73 -2.78
N GLN A 853 -25.22 -13.40 -2.77
CA GLN A 853 -24.65 -12.51 -1.75
C GLN A 853 -24.09 -11.24 -2.38
N LYS A 854 -24.60 -10.10 -1.94
CA LYS A 854 -24.15 -8.80 -2.43
C LYS A 854 -23.01 -8.27 -1.55
N ILE A 855 -21.89 -7.94 -2.19
CA ILE A 855 -20.74 -7.37 -1.48
C ILE A 855 -20.88 -5.84 -1.40
N THR A 856 -21.36 -5.37 -0.26
CA THR A 856 -21.49 -3.93 -0.01
C THR A 856 -20.33 -3.46 0.85
N GLU A 857 -19.79 -4.36 1.66
CA GLU A 857 -18.65 -4.09 2.52
C GLU A 857 -17.67 -5.25 2.46
N TRP A 858 -16.38 -4.94 2.29
CA TRP A 858 -15.34 -5.94 2.16
C TRP A 858 -14.88 -6.47 3.50
N SER A 859 -14.43 -7.72 3.50
CA SER A 859 -13.87 -8.37 4.69
C SER A 859 -12.76 -9.34 4.29
N ALA A 860 -12.12 -9.96 5.29
CA ALA A 860 -11.00 -10.88 5.07
C ALA A 860 -11.36 -12.10 4.21
N LYS A 861 -12.64 -12.48 4.22
CA LYS A 861 -13.15 -13.60 3.42
C LYS A 861 -12.94 -13.40 1.92
N TYR A 862 -13.14 -12.16 1.47
CA TYR A 862 -13.10 -11.84 0.04
C TYR A 862 -11.70 -11.50 -0.50
N PHE A 863 -10.69 -11.60 0.37
CA PHE A 863 -9.31 -11.33 -0.03
C PHE A 863 -8.42 -12.56 0.05
N ASN A 864 -7.53 -12.71 -0.93
CA ASN A 864 -6.53 -13.77 -0.93
C ASN A 864 -5.41 -13.52 0.09
N GLY A 865 -5.09 -12.24 0.29
CA GLY A 865 -4.06 -11.84 1.23
C GLY A 865 -3.92 -10.34 1.34
N THR A 866 -2.76 -9.90 1.83
CA THR A 866 -2.45 -8.48 1.98
C THR A 866 -0.94 -8.26 1.91
N ASN A 867 -0.54 -7.02 1.64
CA ASN A 867 0.87 -6.64 1.74
C ASN A 867 1.28 -6.54 3.20
N ILE A 868 2.59 -6.62 3.46
CA ILE A 868 3.13 -6.52 4.81
C ILE A 868 2.71 -5.20 5.48
N LEU A 869 2.25 -5.28 6.73
CA LEU A 869 1.66 -4.12 7.41
C LEU A 869 2.46 -3.59 8.60
N HIS A 870 3.62 -4.20 8.85
CA HIS A 870 4.57 -3.78 9.89
C HIS A 870 3.99 -3.73 11.29
N ARG A 871 2.90 -4.46 11.52
CA ARG A 871 2.24 -4.47 12.84
C ARG A 871 2.98 -5.34 13.86
N GLY A 872 3.66 -6.38 13.37
CA GLY A 872 4.39 -7.31 14.22
C GLY A 872 3.76 -8.69 14.24
N SER A 873 4.61 -9.71 14.41
CA SER A 873 4.16 -11.11 14.44
C SER A 873 3.42 -11.44 15.73
N GLY A 874 3.72 -10.71 16.80
CA GLY A 874 3.08 -10.92 18.10
C GLY A 874 2.18 -9.76 18.51
N TYR A 875 1.65 -9.04 17.52
CA TYR A 875 0.77 -7.89 17.78
C TYR A 875 -0.54 -8.30 18.42
N VAL A 876 -1.10 -9.42 17.96
CA VAL A 876 -2.25 -10.04 18.61
C VAL A 876 -1.76 -10.73 19.88
N LEU A 877 -2.27 -10.27 21.03
CA LEU A 877 -1.77 -10.72 22.33
C LEU A 877 -2.10 -12.17 22.65
N LYS A 878 -1.06 -12.93 22.99
CA LYS A 878 -1.22 -14.29 23.50
C LYS A 878 -0.53 -14.44 24.86
N ALA A 879 -0.96 -15.43 25.63
CA ALA A 879 -0.44 -15.67 26.98
C ALA A 879 1.02 -16.15 26.99
N ASP A 880 1.51 -16.41 28.19
CA ASP A 880 2.88 -16.86 28.41
C ASP A 880 3.20 -18.17 27.68
N GLY A 881 2.28 -19.12 27.78
CA GLY A 881 2.45 -20.45 27.17
C GLY A 881 1.87 -20.59 25.77
N GLY A 882 1.39 -19.48 25.21
CA GLY A 882 0.88 -19.46 23.84
C GLY A 882 -0.61 -19.71 23.72
N GLN A 883 -1.40 -18.88 24.41
CA GLN A 883 -2.86 -18.94 24.30
C GLN A 883 -3.41 -17.52 24.11
N TYR A 884 -4.02 -17.28 22.96
CA TYR A 884 -4.49 -15.94 22.60
C TYR A 884 -5.62 -15.44 23.51
N TYR A 885 -5.44 -14.21 24.00
CA TYR A 885 -6.44 -13.56 24.85
C TYR A 885 -7.67 -13.14 24.04
N ASN A 886 -8.84 -13.44 24.58
CA ASN A 886 -10.10 -13.17 23.89
C ASN A 886 -11.20 -12.81 24.88
N LEU A 887 -12.18 -12.03 24.43
CA LEU A 887 -13.33 -11.67 25.25
C LEU A 887 -14.42 -12.73 25.22
N GLY A 888 -14.26 -13.73 24.35
CA GLY A 888 -15.22 -14.83 24.23
C GLY A 888 -16.08 -14.78 22.98
N THR A 889 -15.75 -13.88 22.06
CA THR A 889 -16.50 -13.70 20.83
C THR A 889 -16.17 -14.80 19.82
N THR A 890 -14.89 -14.95 19.51
CA THR A 890 -14.42 -15.89 18.48
C THR A 890 -13.93 -17.23 19.05
N THR A 891 -13.12 -17.16 20.10
CA THR A 891 -12.63 -18.37 20.78
C THR A 891 -13.01 -18.32 22.27
N LYS A 892 -12.64 -19.36 23.01
CA LYS A 892 -12.90 -19.44 24.45
C LYS A 892 -12.37 -18.20 25.18
N GLN A 893 -13.21 -17.63 26.05
CA GLN A 893 -12.86 -16.44 26.81
C GLN A 893 -11.65 -16.70 27.71
N PHE A 894 -10.61 -15.89 27.53
CA PHE A 894 -9.39 -16.00 28.32
C PHE A 894 -8.73 -14.63 28.42
N LEU A 895 -8.50 -14.19 29.65
CA LEU A 895 -7.87 -12.89 29.91
C LEU A 895 -6.72 -13.04 30.92
N PRO A 896 -5.77 -12.08 30.94
CA PRO A 896 -4.64 -12.19 31.86
C PRO A 896 -5.04 -12.03 33.32
N ILE A 897 -4.19 -12.54 34.22
CA ILE A 897 -4.43 -12.52 35.66
C ILE A 897 -4.62 -11.10 36.20
N GLN A 898 -4.18 -10.11 35.41
CA GLN A 898 -4.28 -8.70 35.79
C GLN A 898 -5.70 -8.16 35.63
N LEU A 899 -6.32 -8.47 34.50
CA LEU A 899 -7.65 -7.95 34.19
C LEU A 899 -8.78 -8.66 34.95
N THR A 900 -8.58 -9.95 35.25
CA THR A 900 -9.51 -10.71 36.08
C THR A 900 -9.31 -10.35 37.55
N GLY A 901 -8.06 -10.30 38.00
CA GLY A 901 -7.70 -9.83 39.32
C GLY A 901 -7.81 -10.85 40.44
N GLU A 902 -7.15 -12.00 40.25
CA GLU A 902 -7.13 -13.07 41.25
C GLU A 902 -5.90 -13.96 41.09
N LYS A 903 -4.88 -13.71 41.89
CA LYS A 903 -3.68 -14.55 41.89
C LYS A 903 -3.88 -15.76 42.80
N LYS A 904 -3.49 -16.93 42.32
CA LYS A 904 -3.58 -18.16 43.11
C LYS A 904 -2.45 -19.14 42.85
N GLN A 905 -1.56 -19.28 43.84
CA GLN A 905 -0.51 -20.28 43.88
C GLN A 905 0.00 -20.39 45.32
N GLY A 906 1.23 -20.86 45.51
CA GLY A 906 1.84 -20.91 46.83
C GLY A 906 2.46 -19.57 47.21
N ASN A 907 1.67 -18.51 47.03
CA ASN A 907 2.16 -17.14 47.14
C ASN A 907 1.06 -16.12 47.47
N GLU A 908 1.33 -14.85 47.17
CA GLU A 908 0.46 -13.69 47.45
C GLU A 908 0.19 -13.45 48.94
N GLY A 909 0.42 -12.21 49.37
CA GLY A 909 0.20 -11.81 50.76
C GLY A 909 1.26 -12.38 51.69
N PHE A 910 0.88 -12.50 52.96
CA PHE A 910 1.79 -13.00 53.98
C PHE A 910 1.65 -14.51 54.15
N VAL A 911 2.78 -15.21 54.08
CA VAL A 911 2.81 -16.67 54.16
C VAL A 911 3.81 -17.12 55.22
N LYS A 912 3.42 -18.09 56.05
CA LYS A 912 4.33 -18.69 57.02
C LYS A 912 4.86 -20.02 56.48
N GLY A 913 6.16 -20.05 56.17
CA GLY A 913 6.79 -21.23 55.58
C GLY A 913 7.58 -22.05 56.58
N ASN A 914 6.84 -22.79 57.42
CA ASN A 914 7.43 -23.67 58.43
C ASN A 914 8.43 -22.98 59.37
N ASP A 915 9.71 -23.25 59.15
CA ASP A 915 10.78 -22.73 60.01
C ASP A 915 11.21 -21.32 59.61
N GLY A 916 11.03 -20.98 58.33
CA GLY A 916 11.51 -19.72 57.77
C GLY A 916 10.74 -18.46 58.17
N ASN A 917 9.94 -18.55 59.24
CA ASN A 917 9.15 -17.43 59.75
C ASN A 917 8.07 -16.97 58.75
N TYR A 918 7.94 -15.65 58.58
CA TYR A 918 6.96 -15.08 57.66
C TYR A 918 7.60 -14.47 56.43
N TYR A 919 7.04 -14.79 55.26
CA TYR A 919 7.49 -14.24 53.98
C TYR A 919 6.36 -13.47 53.32
N PHE A 920 6.72 -12.54 52.43
CA PHE A 920 5.73 -11.83 51.62
C PHE A 920 5.95 -12.09 50.13
N TYR A 921 4.84 -12.32 49.43
CA TYR A 921 4.85 -12.42 47.97
C TYR A 921 3.92 -11.36 47.40
N ASP A 922 4.40 -10.67 46.37
CA ASP A 922 3.64 -9.58 45.74
C ASP A 922 2.47 -10.10 44.90
N LEU A 923 1.84 -9.20 44.15
CA LEU A 923 0.68 -9.54 43.31
C LEU A 923 0.98 -10.64 42.29
N ALA A 924 2.22 -10.65 41.79
CA ALA A 924 2.65 -11.66 40.81
C ALA A 924 2.99 -13.00 41.47
N GLY A 925 3.59 -12.94 42.66
CA GLY A 925 3.98 -14.13 43.39
C GLY A 925 5.48 -14.29 43.53
N ASN A 926 6.16 -13.16 43.75
CA ASN A 926 7.62 -13.15 43.91
C ASN A 926 7.99 -12.80 45.35
N MET A 927 8.94 -13.54 45.92
CA MET A 927 9.41 -13.30 47.29
C MET A 927 10.13 -11.96 47.37
N VAL A 928 9.61 -11.07 48.22
CA VAL A 928 10.12 -9.71 48.33
C VAL A 928 11.16 -9.62 49.45
N LYS A 929 12.25 -8.92 49.16
CA LYS A 929 13.36 -8.74 50.10
C LYS A 929 13.72 -7.26 50.24
N ASN A 930 14.19 -6.86 51.41
CA ASN A 930 14.59 -5.48 51.71
C ASN A 930 13.51 -4.42 51.46
N THR A 931 12.25 -4.79 51.70
CA THR A 931 11.12 -3.91 51.41
C THR A 931 10.12 -3.85 52.57
N PHE A 932 9.64 -2.64 52.85
CA PHE A 932 8.56 -2.43 53.81
C PHE A 932 7.22 -2.65 53.12
N ILE A 933 6.37 -3.49 53.71
CA ILE A 933 5.05 -3.77 53.15
C ILE A 933 3.96 -3.33 54.12
N GLU A 934 3.12 -2.40 53.69
CA GLU A 934 2.00 -1.92 54.48
C GLU A 934 0.77 -2.78 54.24
N ASP A 935 0.07 -3.14 55.32
CA ASP A 935 -1.16 -3.92 55.22
C ASP A 935 -2.39 -3.01 55.02
N SER A 936 -3.57 -3.62 54.97
CA SER A 936 -4.81 -2.90 54.71
C SER A 936 -5.17 -1.87 55.79
N VAL A 937 -4.86 -2.20 57.04
CA VAL A 937 -5.17 -1.31 58.17
C VAL A 937 -4.17 -0.17 58.35
N GLY A 938 -2.89 -0.45 58.16
CA GLY A 938 -1.84 0.58 58.25
C GLY A 938 -0.66 0.21 59.11
N ASN A 939 -0.13 -1.00 58.91
CA ASN A 939 1.03 -1.49 59.63
C ASN A 939 2.15 -1.86 58.67
N TRP A 940 3.36 -1.35 58.94
CA TRP A 940 4.51 -1.62 58.09
C TRP A 940 5.34 -2.75 58.63
N TYR A 941 5.51 -3.79 57.81
CA TYR A 941 6.35 -4.93 58.16
C TYR A 941 7.57 -4.96 57.25
N PHE A 942 8.72 -5.31 57.81
CA PHE A 942 9.96 -5.38 57.04
C PHE A 942 10.46 -6.81 56.86
N PHE A 943 10.97 -7.09 55.66
CA PHE A 943 11.51 -8.40 55.31
C PHE A 943 12.96 -8.24 54.88
N ASP A 944 13.84 -9.02 55.51
CA ASP A 944 15.29 -8.85 55.35
C ASP A 944 15.86 -9.35 54.02
N GLN A 945 17.16 -9.61 54.00
CA GLN A 945 17.87 -10.05 52.79
C GLN A 945 17.48 -11.45 52.33
N ASP A 946 16.76 -12.18 53.19
CA ASP A 946 16.24 -13.50 52.86
C ASP A 946 14.72 -13.51 52.69
N GLY A 947 14.10 -12.37 52.98
CA GLY A 947 12.64 -12.21 52.87
C GLY A 947 11.89 -12.56 54.14
N LYS A 948 12.63 -12.75 55.23
CA LYS A 948 12.06 -13.12 56.53
C LYS A 948 11.66 -11.88 57.33
N MET A 949 10.47 -11.93 57.92
CA MET A 949 9.94 -10.81 58.71
C MET A 949 10.73 -10.63 60.01
N VAL A 950 10.94 -9.37 60.40
CA VAL A 950 11.73 -9.03 61.57
C VAL A 950 10.84 -8.76 62.78
N GLU A 951 11.26 -9.25 63.94
CA GLU A 951 10.53 -9.06 65.20
C GLU A 951 11.49 -8.96 66.41
N ASN A 952 12.56 -8.20 66.24
CA ASN A 952 13.66 -8.15 67.20
C ASN A 952 13.39 -7.35 68.48
N LYS A 953 12.83 -6.16 68.34
CA LYS A 953 12.72 -5.16 69.42
C LYS A 953 14.08 -4.54 69.71
N HIS A 954 14.88 -4.41 68.66
CA HIS A 954 16.21 -3.80 68.72
C HIS A 954 16.35 -2.81 67.60
N PHE A 955 17.21 -1.81 67.80
CA PHE A 955 17.46 -0.77 66.81
C PHE A 955 18.24 -1.32 65.61
N VAL A 956 17.53 -1.55 64.52
CA VAL A 956 18.14 -2.13 63.31
C VAL A 956 18.09 -1.13 62.16
N ASP A 957 19.25 -0.91 61.53
CA ASP A 957 19.37 -0.03 60.37
C ASP A 957 18.92 -0.71 59.09
N VAL A 958 18.18 0.04 58.27
CA VAL A 958 17.64 -0.47 57.01
C VAL A 958 18.04 0.46 55.86
N ASP A 959 18.35 -0.13 54.70
CA ASP A 959 18.65 0.65 53.50
C ASP A 959 17.43 0.77 52.59
N SER A 960 16.81 -0.37 52.27
CA SER A 960 15.58 -0.45 51.46
C SER A 960 15.67 0.29 50.12
N TYR A 961 14.56 0.91 49.71
CA TYR A 961 14.50 1.67 48.47
C TYR A 961 14.91 3.14 48.69
N GLY A 962 16.20 3.34 48.92
CA GLY A 962 16.76 4.68 49.14
C GLY A 962 16.29 5.33 50.43
N GLU A 963 16.06 4.51 51.47
CA GLU A 963 15.59 5.01 52.77
C GLU A 963 16.55 4.61 53.89
N LYS A 964 17.55 5.44 54.11
CA LYS A 964 18.57 5.23 55.13
C LYS A 964 18.04 5.62 56.51
N GLY A 965 17.80 4.65 57.36
CA GLY A 965 17.26 4.92 58.70
C GLY A 965 17.25 3.76 59.68
N THR A 966 17.05 4.08 60.96
CA THR A 966 17.01 3.08 62.04
C THR A 966 15.57 2.85 62.50
N TYR A 967 15.20 1.58 62.62
CA TYR A 967 13.81 1.20 62.92
C TYR A 967 13.70 0.33 64.18
N PHE A 968 12.46 0.15 64.66
CA PHE A 968 12.18 -0.69 65.82
C PHE A 968 11.03 -1.64 65.49
N PHE A 969 11.26 -2.94 65.68
CA PHE A 969 10.28 -3.96 65.32
C PHE A 969 9.78 -4.76 66.51
N LEU A 970 8.48 -4.65 66.79
CA LEU A 970 7.84 -5.38 67.89
C LEU A 970 7.76 -6.88 67.61
N LYS A 971 7.48 -7.67 68.65
CA LYS A 971 7.40 -9.13 68.53
C LYS A 971 6.23 -9.63 67.69
N ASN A 972 5.36 -8.71 67.26
CA ASN A 972 4.27 -9.05 66.34
C ASN A 972 4.67 -8.88 64.86
N GLY A 973 5.70 -8.07 64.63
CA GLY A 973 6.21 -7.85 63.27
C GLY A 973 6.09 -6.41 62.79
N VAL A 974 5.23 -5.64 63.45
CA VAL A 974 4.95 -4.25 63.07
C VAL A 974 6.10 -3.32 63.48
N SER A 975 6.46 -2.42 62.56
CA SER A 975 7.42 -1.36 62.85
C SER A 975 6.76 -0.28 63.69
N PHE A 976 7.40 0.07 64.81
CA PHE A 976 6.88 1.11 65.70
C PHE A 976 7.14 2.49 65.11
N ARG A 977 6.09 3.31 65.07
CA ARG A 977 6.16 4.63 64.46
C ARG A 977 5.19 5.65 65.07
N GLY A 978 5.64 6.89 65.20
CA GLY A 978 4.83 7.98 65.73
C GLY A 978 4.57 7.88 67.22
N GLY A 979 5.61 7.53 67.98
CA GLY A 979 5.49 7.38 69.43
C GLY A 979 6.84 7.27 70.15
N LEU A 980 6.77 6.99 71.45
CA LEU A 980 7.96 6.92 72.29
C LEU A 980 8.24 5.51 72.80
N VAL A 981 9.54 5.18 72.93
CA VAL A 981 9.98 3.93 73.51
C VAL A 981 10.89 4.23 74.71
N GLN A 982 10.42 3.85 75.90
CA GLN A 982 11.19 4.08 77.12
C GLN A 982 11.94 2.82 77.55
N THR A 983 13.27 2.91 77.51
CA THR A 983 14.15 1.79 77.89
C THR A 983 15.00 2.16 79.11
N ASP A 984 15.96 1.30 79.43
CA ASP A 984 16.89 1.55 80.53
C ASP A 984 17.98 2.55 80.13
N ASN A 985 18.19 2.69 78.82
CA ASN A 985 19.16 3.65 78.28
C ASN A 985 18.55 5.05 78.07
N GLY A 986 17.25 5.17 78.35
CA GLY A 986 16.53 6.43 78.17
C GLY A 986 15.29 6.27 77.31
N THR A 987 14.75 7.39 76.86
CA THR A 987 13.56 7.39 76.01
C THR A 987 13.93 7.76 74.57
N TYR A 988 13.44 6.96 73.62
CA TYR A 988 13.73 7.16 72.20
C TYR A 988 12.45 7.46 71.43
N TYR A 989 12.56 8.29 70.40
CA TYR A 989 11.42 8.64 69.56
C TYR A 989 11.56 8.17 68.12
N PHE A 990 10.47 7.68 67.56
CA PHE A 990 10.41 7.27 66.16
C PHE A 990 9.29 8.03 65.44
N ASP A 991 9.62 8.64 64.30
CA ASP A 991 8.68 9.45 63.55
C ASP A 991 7.58 8.62 62.86
N ASN A 992 6.73 9.30 62.09
CA ASN A 992 5.60 8.67 61.40
C ASN A 992 5.98 7.58 60.39
N TYR A 993 7.26 7.52 60.05
CA TYR A 993 7.75 6.55 59.06
C TYR A 993 8.56 5.42 59.69
N GLY A 994 8.67 5.44 61.02
CA GLY A 994 9.39 4.40 61.76
C GLY A 994 10.85 4.71 61.97
N LYS A 995 11.29 5.83 61.42
CA LYS A 995 12.69 6.25 61.47
C LYS A 995 12.99 6.93 62.80
N MET A 996 14.13 6.59 63.40
CA MET A 996 14.53 7.19 64.67
C MET A 996 14.99 8.63 64.46
N VAL A 997 14.47 9.54 65.28
CA VAL A 997 14.83 10.94 65.22
C VAL A 997 16.05 11.21 66.10
N ARG A 998 17.08 11.78 65.50
CA ARG A 998 18.33 12.10 66.20
C ARG A 998 18.75 13.54 65.96
N ASN A 999 19.48 14.10 66.92
CA ASN A 999 20.09 15.44 66.80
C ASN A 999 19.13 16.55 66.34
N GLN A 1000 17.92 16.52 66.88
CA GLN A 1000 16.87 17.47 66.48
C GLN A 1000 15.81 17.65 67.56
N THR A 1001 15.29 18.88 67.67
CA THR A 1001 14.16 19.17 68.54
C THR A 1001 12.89 19.16 67.69
N ILE A 1002 12.04 18.16 67.94
CA ILE A 1002 10.82 17.96 67.16
C ILE A 1002 9.55 18.24 67.95
N ASN A 1003 8.51 18.71 67.25
CA ASN A 1003 7.22 19.01 67.86
C ASN A 1003 6.20 17.92 67.53
N ALA A 1004 6.00 17.00 68.46
CA ALA A 1004 5.08 15.87 68.28
C ALA A 1004 3.80 16.04 69.08
N GLY A 1005 2.70 16.33 68.38
CA GLY A 1005 1.40 16.56 69.00
C GLY A 1005 1.37 17.84 69.81
N ALA A 1006 1.06 17.72 71.09
CA ALA A 1006 1.06 18.86 72.02
C ALA A 1006 2.38 18.98 72.76
N MET A 1007 3.27 18.02 72.54
CA MET A 1007 4.57 17.96 73.22
C MET A 1007 5.73 18.33 72.30
N ILE A 1008 6.83 18.79 72.89
CA ILE A 1008 8.05 19.12 72.16
C ILE A 1008 9.22 18.31 72.73
N TYR A 1009 9.79 17.43 71.89
CA TYR A 1009 10.86 16.54 72.32
C TYR A 1009 12.22 16.93 71.75
N THR A 1010 13.20 17.05 72.63
CA THR A 1010 14.59 17.33 72.24
C THR A 1010 15.40 16.04 72.24
N LEU A 1011 16.08 15.77 71.14
CA LEU A 1011 16.83 14.52 70.98
C LEU A 1011 18.27 14.76 70.55
N ASP A 1012 19.17 13.90 71.03
CA ASP A 1012 20.61 14.03 70.78
C ASP A 1012 21.11 13.09 69.68
N GLU A 1013 22.44 13.01 69.52
CA GLU A 1013 23.07 12.18 68.49
C GLU A 1013 23.07 10.68 68.80
N ASN A 1014 22.52 10.32 69.97
CA ASN A 1014 22.33 8.92 70.34
C ASN A 1014 20.89 8.46 70.18
N GLY A 1015 19.97 9.43 70.15
CA GLY A 1015 18.54 9.15 70.07
C GLY A 1015 17.84 9.29 71.40
N LYS A 1016 18.61 9.57 72.45
CA LYS A 1016 18.09 9.73 73.80
C LYS A 1016 17.39 11.08 73.98
N LEU A 1017 16.32 11.08 74.78
CA LEU A 1017 15.54 12.29 75.04
C LEU A 1017 16.23 13.20 76.06
N ILE A 1018 16.37 14.48 75.71
CA ILE A 1018 17.00 15.47 76.58
C ILE A 1018 15.94 16.20 77.42
N LYS A 1019 15.07 16.96 76.75
CA LYS A 1019 14.01 17.71 77.42
C LYS A 1019 12.68 17.62 76.67
N ALA A 1020 11.64 17.21 77.39
CA ALA A 1020 10.28 17.14 76.86
C ALA A 1020 9.41 18.22 77.51
N SER A 1021 8.88 19.12 76.68
CA SER A 1021 8.14 20.27 77.17
C SER A 1021 6.84 20.53 76.40
N TYR A 1022 5.85 21.04 77.11
CA TYR A 1022 4.56 21.40 76.53
C TYR A 1022 4.50 22.90 76.23
N ASN A 1023 3.96 23.26 75.06
CA ASN A 1023 3.77 24.66 74.68
C ASN A 1023 2.56 24.87 73.78
N SER A 1024 1.81 25.94 74.06
CA SER A 1024 0.60 26.28 73.33
C SER A 1024 0.70 27.63 72.63
N ASP A 1025 -0.25 27.90 71.73
CA ASP A 1025 -0.36 29.17 70.98
C ASP A 1025 0.77 29.37 69.96
#